data_8Y75
#
_entry.id   8Y75
#
_cell.length_a   53.884
_cell.length_b   193.134
_cell.length_c   61.213
_cell.angle_alpha   90.00
_cell.angle_beta   92.97
_cell.angle_gamma   90.00
#
_symmetry.space_group_name_H-M   'P 1 21 1'
#
loop_
_entity.id
_entity.type
_entity.pdbx_description
1 polymer 'CRISPR-associated protein'
2 water water
#
_entity_poly.entity_id   1
_entity_poly.type   'polypeptide(L)'
_entity_poly.pdbx_seq_one_letter_code
;MKKILIVSFLGKGRYYETFYYSIEHSEKMVKKRLSPLANAILEKENGNDVEIIFFVTNEVKNEFLYDENNEYAKNILNEL
NEIKNYGIKVSYRDIPKGKNYEELEIIMEEIEKLLLDFKGNKVIFDLTHGLRHMAIFTSSTVFYFKNLMEKANKLEMKIV
YGAYEIGEEIEKNLKKVPILDITQTLELSDLTIALEEFERYGITERMIIVLKNIQKIVAKNKLCNLNELKFSSLSRELKL
FEELLKIPSPPEKIANSIYKINDILESSIREFKLCSKNSENLFFIKPIQKFLVDFQKIVLEKLPLDKKINKYSNIATLEK
VEFMKNIIKLLINWKMYSEAVIHLRELLIDIKLIENGKYFYYNNKDFREKYWMYSYNIVDTKDKELPKKIEELLKNVKGW
RNSVAHGGRANTSINQKTLEENLENALSMIDEILLSMKDLKVNS
;
_entity_poly.pdbx_strand_id   A,B,C,D
#
# COMPACT_ATOMS: atom_id res chain seq x y z
N MET A 1 13.56 -11.59 -29.19
CA MET A 1 14.93 -11.95 -28.81
C MET A 1 15.00 -13.23 -27.95
N LYS A 2 13.93 -13.60 -27.26
CA LYS A 2 14.03 -14.68 -26.29
C LYS A 2 13.79 -16.04 -26.94
N LYS A 3 14.08 -17.08 -26.18
CA LYS A 3 13.40 -18.34 -26.43
C LYS A 3 12.28 -18.69 -25.51
N ILE A 4 11.26 -19.28 -26.14
CA ILE A 4 9.98 -19.63 -25.58
C ILE A 4 9.81 -21.11 -25.83
N LEU A 5 9.44 -21.84 -24.79
CA LEU A 5 8.98 -23.22 -24.85
C LEU A 5 7.51 -23.17 -24.53
N ILE A 6 6.68 -23.75 -25.39
CA ILE A 6 5.24 -23.83 -25.16
C ILE A 6 4.94 -25.28 -24.82
N VAL A 7 4.32 -25.47 -23.66
CA VAL A 7 3.94 -26.79 -23.16
C VAL A 7 2.43 -26.88 -23.26
N SER A 8 1.94 -27.98 -23.83
CA SER A 8 0.51 -28.18 -24.03
C SER A 8 0.21 -29.65 -23.90
N PHE A 9 -1.01 -29.93 -23.42
CA PHE A 9 -1.56 -31.28 -23.48
C PHE A 9 -2.28 -31.47 -24.79
N LEU A 10 -2.58 -32.73 -25.10
CA LEU A 10 -3.15 -33.10 -26.39
C LEU A 10 -4.07 -34.30 -26.16
N GLY A 11 -5.37 -34.10 -26.32
CA GLY A 11 -6.35 -35.13 -26.07
C GLY A 11 -7.19 -35.46 -27.29
N LYS A 12 -8.09 -36.43 -27.11
CA LYS A 12 -9.09 -36.70 -28.13
C LYS A 12 -10.08 -35.55 -28.18
N GLY A 13 -10.40 -35.08 -29.37
CA GLY A 13 -11.32 -33.97 -29.54
C GLY A 13 -11.38 -33.58 -31.00
N ARG A 14 -12.25 -32.61 -31.28
CA ARG A 14 -12.49 -32.22 -32.67
C ARG A 14 -11.42 -31.27 -33.21
N TYR A 15 -10.96 -30.30 -32.41
CA TYR A 15 -9.96 -29.33 -32.83
C TYR A 15 -10.37 -28.52 -34.08
N TYR A 16 -11.50 -27.84 -33.95
CA TYR A 16 -11.98 -26.99 -35.03
C TYR A 16 -11.02 -25.85 -35.35
N GLU A 17 -10.91 -25.52 -36.63
CA GLU A 17 -10.20 -24.32 -37.03
C GLU A 17 -10.79 -23.12 -36.31
N THR A 18 -9.92 -22.29 -35.78
CA THR A 18 -10.32 -21.24 -34.85
C THR A 18 -9.48 -20.01 -35.16
N PHE A 19 -10.13 -18.85 -35.07
CA PHE A 19 -9.43 -17.57 -35.18
C PHE A 19 -8.94 -17.21 -33.78
N TYR A 20 -7.70 -17.57 -33.46
CA TYR A 20 -7.09 -17.18 -32.20
C TYR A 20 -6.49 -15.79 -32.29
N TYR A 21 -6.56 -15.06 -31.17
CA TYR A 21 -5.93 -13.75 -31.05
C TYR A 21 -5.64 -13.50 -29.57
N SER A 22 -4.57 -12.77 -29.31
CA SER A 22 -4.36 -12.23 -27.97
C SER A 22 -5.36 -11.11 -27.70
N ILE A 23 -6.02 -11.17 -26.54
CA ILE A 23 -7.01 -10.16 -26.17
C ILE A 23 -6.42 -8.76 -26.12
N GLU A 24 -5.10 -8.64 -25.94
CA GLU A 24 -4.49 -7.32 -25.89
C GLU A 24 -4.41 -6.72 -27.28
N HIS A 25 -4.19 -7.55 -28.28
CA HIS A 25 -4.04 -7.13 -29.67
C HIS A 25 -5.06 -7.92 -30.46
N SER A 26 -6.30 -7.41 -30.47
CA SER A 26 -7.35 -8.13 -31.16
C SER A 26 -7.20 -8.03 -32.67
N GLU A 27 -6.33 -7.12 -33.14
CA GLU A 27 -6.11 -6.95 -34.57
C GLU A 27 -5.43 -8.17 -35.19
N LYS A 28 -4.45 -8.76 -34.49
CA LYS A 28 -3.68 -9.85 -35.04
C LYS A 28 -4.38 -11.18 -34.79
N MET A 29 -4.94 -11.77 -35.85
CA MET A 29 -5.62 -13.05 -35.76
C MET A 29 -4.89 -14.14 -36.54
N VAL A 30 -4.83 -15.32 -35.94
CA VAL A 30 -4.19 -16.50 -36.50
C VAL A 30 -5.22 -17.61 -36.57
N LYS A 31 -5.45 -18.14 -37.78
CA LYS A 31 -6.44 -19.19 -37.99
C LYS A 31 -5.75 -20.56 -37.92
N LYS A 32 -5.93 -21.27 -36.80
CA LYS A 32 -5.33 -22.59 -36.65
C LYS A 32 -6.23 -23.47 -35.77
N ARG A 33 -5.95 -24.76 -35.78
CA ARG A 33 -6.66 -25.62 -34.84
C ARG A 33 -6.04 -25.57 -33.47
N LEU A 34 -4.71 -25.51 -33.43
CA LEU A 34 -3.96 -25.63 -32.20
C LEU A 34 -3.58 -24.25 -31.68
N SER A 35 -4.11 -23.91 -30.50
CA SER A 35 -3.68 -22.70 -29.81
C SER A 35 -2.16 -22.64 -29.65
N PRO A 36 -1.45 -23.71 -29.27
CA PRO A 36 0.02 -23.64 -29.26
C PRO A 36 0.63 -23.19 -30.57
N LEU A 37 0.10 -23.64 -31.71
CA LEU A 37 0.66 -23.16 -32.97
C LEU A 37 0.36 -21.68 -33.18
N ALA A 38 -0.87 -21.24 -32.88
CA ALA A 38 -1.17 -19.82 -33.05
C ALA A 38 -0.28 -18.99 -32.17
N ASN A 39 -0.10 -19.41 -30.93
CA ASN A 39 0.73 -18.65 -30.01
C ASN A 39 2.17 -18.61 -30.49
N ALA A 40 2.66 -19.75 -31.00
CA ALA A 40 4.01 -19.79 -31.53
C ALA A 40 4.16 -18.80 -32.67
N ILE A 41 3.18 -18.75 -33.57
CA ILE A 41 3.22 -17.81 -34.69
C ILE A 41 3.25 -16.38 -34.14
N LEU A 42 2.41 -16.08 -33.14
CA LEU A 42 2.39 -14.74 -32.59
C LEU A 42 3.73 -14.37 -31.94
N GLU A 43 4.33 -15.29 -31.19
CA GLU A 43 5.61 -14.98 -30.56
C GLU A 43 6.72 -14.80 -31.60
N LYS A 44 6.66 -15.56 -32.70
CA LYS A 44 7.66 -15.41 -33.75
C LYS A 44 7.52 -14.06 -34.44
N GLU A 45 6.29 -13.54 -34.55
CA GLU A 45 6.16 -12.18 -35.04
C GLU A 45 6.84 -11.18 -34.11
N ASN A 46 6.90 -11.47 -32.81
CA ASN A 46 7.63 -10.66 -31.84
C ASN A 46 9.13 -10.85 -31.92
N GLY A 47 9.63 -11.70 -32.81
CA GLY A 47 11.06 -11.90 -32.95
C GLY A 47 11.66 -12.97 -32.06
N ASN A 48 10.84 -13.88 -31.53
CA ASN A 48 11.32 -14.93 -30.66
C ASN A 48 11.39 -16.28 -31.36
N ASP A 49 12.27 -17.15 -30.87
CA ASP A 49 12.31 -18.55 -31.24
C ASP A 49 11.30 -19.30 -30.39
N VAL A 50 10.55 -20.20 -31.01
CA VAL A 50 9.51 -20.92 -30.32
C VAL A 50 9.70 -22.42 -30.55
N GLU A 51 9.60 -23.19 -29.48
CA GLU A 51 9.57 -24.65 -29.45
C GLU A 51 8.28 -25.08 -28.75
N ILE A 52 7.69 -26.20 -29.19
CA ILE A 52 6.47 -26.76 -28.62
C ILE A 52 6.75 -28.16 -28.13
N ILE A 53 6.25 -28.48 -26.94
CA ILE A 53 6.25 -29.85 -26.42
C ILE A 53 4.82 -30.22 -26.04
N PHE A 54 4.39 -31.39 -26.48
CA PHE A 54 3.04 -31.87 -26.25
C PHE A 54 3.08 -33.04 -25.28
N PHE A 55 2.27 -32.99 -24.23
CA PHE A 55 2.07 -34.17 -23.40
C PHE A 55 0.87 -34.93 -23.94
N VAL A 56 1.09 -36.19 -24.26
CA VAL A 56 0.06 -37.03 -24.86
C VAL A 56 0.17 -38.42 -24.27
N THR A 57 -0.98 -39.03 -23.98
CA THR A 57 -0.92 -40.40 -23.50
C THR A 57 -0.81 -41.32 -24.70
N ASN A 58 -0.24 -42.50 -24.44
CA ASN A 58 -0.17 -43.55 -25.44
C ASN A 58 -1.56 -43.85 -25.98
N GLU A 59 -2.58 -43.61 -25.16
CA GLU A 59 -3.93 -43.95 -25.56
C GLU A 59 -4.44 -42.98 -26.60
N VAL A 60 -4.22 -41.67 -26.40
CA VAL A 60 -4.60 -40.69 -27.41
C VAL A 60 -3.78 -40.86 -28.69
N LYS A 61 -2.50 -41.23 -28.55
CA LYS A 61 -1.65 -41.42 -29.73
C LYS A 61 -2.17 -42.57 -30.58
N ASN A 62 -2.36 -43.74 -29.97
CA ASN A 62 -2.70 -44.92 -30.76
C ASN A 62 -4.19 -44.99 -31.09
N GLU A 63 -5.05 -44.66 -30.14
CA GLU A 63 -6.49 -44.81 -30.30
C GLU A 63 -7.12 -43.66 -31.08
N PHE A 64 -6.52 -42.47 -31.06
CA PHE A 64 -7.14 -41.31 -31.72
C PHE A 64 -6.31 -40.76 -32.87
N LEU A 65 -5.08 -40.33 -32.62
CA LEU A 65 -4.35 -39.57 -33.63
C LEU A 65 -4.17 -40.38 -34.91
N TYR A 66 -3.91 -41.68 -34.77
CA TYR A 66 -3.58 -42.55 -35.88
C TYR A 66 -4.79 -43.30 -36.44
N ASP A 67 -6.01 -42.82 -36.18
CA ASP A 67 -7.18 -43.49 -36.73
C ASP A 67 -7.48 -42.84 -38.07
N GLU A 68 -7.28 -43.60 -39.15
CA GLU A 68 -7.45 -43.04 -40.48
C GLU A 68 -8.88 -42.65 -40.79
N ASN A 69 -9.87 -43.24 -40.09
CA ASN A 69 -11.27 -42.99 -40.40
C ASN A 69 -11.88 -41.96 -39.47
N ASN A 70 -11.06 -41.22 -38.74
CA ASN A 70 -11.49 -40.16 -37.83
C ASN A 70 -10.99 -38.85 -38.41
N GLU A 71 -11.92 -38.04 -38.93
CA GLU A 71 -11.48 -36.84 -39.63
C GLU A 71 -10.91 -35.79 -38.69
N TYR A 72 -11.40 -35.70 -37.45
CA TYR A 72 -10.80 -34.77 -36.51
C TYR A 72 -9.35 -35.14 -36.29
N ALA A 73 -9.10 -36.44 -36.19
CA ALA A 73 -7.74 -36.94 -36.04
C ALA A 73 -6.89 -36.62 -37.25
N LYS A 74 -7.44 -36.77 -38.47
CA LYS A 74 -6.64 -36.48 -39.66
C LYS A 74 -6.31 -35.00 -39.75
N ASN A 75 -7.25 -34.12 -39.44
CA ASN A 75 -6.97 -32.69 -39.47
C ASN A 75 -5.90 -32.31 -38.44
N ILE A 76 -6.03 -32.82 -37.23
CA ILE A 76 -5.03 -32.44 -36.22
C ILE A 76 -3.68 -33.05 -36.53
N LEU A 77 -3.64 -34.30 -37.00
CA LEU A 77 -2.37 -34.90 -37.39
C LEU A 77 -1.72 -34.09 -38.52
N ASN A 78 -2.53 -33.58 -39.46
CA ASN A 78 -1.96 -32.78 -40.53
C ASN A 78 -1.39 -31.47 -40.00
N GLU A 79 -2.12 -30.79 -39.13
CA GLU A 79 -1.58 -29.56 -38.57
C GLU A 79 -0.31 -29.84 -37.77
N LEU A 80 -0.30 -30.92 -36.98
CA LEU A 80 0.88 -31.26 -36.20
C LEU A 80 2.06 -31.56 -37.11
N ASN A 81 1.80 -32.17 -38.25
CA ASN A 81 2.86 -32.47 -39.23
C ASN A 81 3.39 -31.21 -39.88
N GLU A 82 2.56 -30.19 -40.03
CA GLU A 82 2.96 -28.98 -40.73
C GLU A 82 3.56 -27.91 -39.83
N ILE A 83 3.69 -28.16 -38.52
CA ILE A 83 4.35 -27.16 -37.68
C ILE A 83 5.83 -26.99 -38.06
N LYS A 84 6.51 -28.06 -38.47
CA LYS A 84 7.92 -27.94 -38.75
C LYS A 84 8.17 -26.95 -39.89
N ASN A 85 7.17 -26.74 -40.76
CA ASN A 85 7.29 -25.81 -41.87
C ASN A 85 7.44 -24.36 -41.39
N TYR A 86 7.02 -24.07 -40.17
CA TYR A 86 7.14 -22.72 -39.64
C TYR A 86 8.43 -22.52 -38.87
N GLY A 87 9.34 -23.48 -38.91
CA GLY A 87 10.56 -23.33 -38.13
C GLY A 87 10.34 -23.52 -36.63
N ILE A 88 9.37 -24.34 -36.24
CA ILE A 88 9.09 -24.61 -34.83
C ILE A 88 9.49 -26.05 -34.51
N LYS A 89 10.49 -26.22 -33.65
CA LYS A 89 10.80 -27.56 -33.21
C LYS A 89 9.64 -28.05 -32.35
N VAL A 90 9.25 -29.30 -32.56
CA VAL A 90 8.12 -29.92 -31.88
C VAL A 90 8.56 -31.29 -31.41
N SER A 91 8.15 -31.67 -30.20
CA SER A 91 8.40 -33.02 -29.73
C SER A 91 7.25 -33.44 -28.80
N TYR A 92 7.20 -34.73 -28.46
CA TYR A 92 6.10 -35.31 -27.70
C TYR A 92 6.68 -36.05 -26.49
N ARG A 93 5.95 -36.02 -25.39
CA ARG A 93 6.30 -36.77 -24.20
C ARG A 93 5.09 -37.58 -23.77
N ASP A 94 5.32 -38.86 -23.46
CA ASP A 94 4.29 -39.74 -22.93
C ASP A 94 4.07 -39.50 -21.43
N ILE A 95 2.81 -39.47 -21.01
CA ILE A 95 2.51 -39.39 -19.57
C ILE A 95 1.31 -40.29 -19.26
N PRO A 96 1.17 -40.68 -17.99
CA PRO A 96 -0.01 -41.45 -17.58
C PRO A 96 -1.27 -40.59 -17.53
N LYS A 97 -2.40 -41.27 -17.32
CA LYS A 97 -3.69 -40.57 -17.29
C LYS A 97 -3.81 -39.64 -16.11
N GLY A 98 -3.12 -39.92 -15.01
CA GLY A 98 -3.29 -39.14 -13.79
C GLY A 98 -4.51 -39.54 -12.98
N LYS A 99 -4.68 -40.83 -12.72
CA LYS A 99 -5.84 -41.27 -11.95
C LYS A 99 -5.67 -41.15 -10.45
N ASN A 100 -4.45 -40.91 -9.95
CA ASN A 100 -4.23 -40.79 -8.52
C ASN A 100 -3.01 -39.92 -8.27
N TYR A 101 -2.65 -39.81 -6.99
CA TYR A 101 -1.56 -38.90 -6.65
C TYR A 101 -0.22 -39.38 -7.18
N GLU A 102 -0.04 -40.70 -7.29
CA GLU A 102 1.20 -41.25 -7.82
C GLU A 102 1.40 -40.89 -9.29
N GLU A 103 0.35 -41.06 -10.10
CA GLU A 103 0.43 -40.67 -11.51
C GLU A 103 0.57 -39.16 -11.66
N LEU A 104 -0.16 -38.39 -10.86
CA LEU A 104 -0.07 -36.93 -10.92
C LEU A 104 1.33 -36.46 -10.54
N GLU A 105 1.94 -37.13 -9.57
CA GLU A 105 3.33 -36.87 -9.23
C GLU A 105 4.24 -37.16 -10.42
N ILE A 106 3.97 -38.27 -11.12
CA ILE A 106 4.75 -38.59 -12.31
C ILE A 106 4.66 -37.47 -13.34
N ILE A 107 3.45 -36.93 -13.52
CA ILE A 107 3.28 -35.82 -14.46
C ILE A 107 4.06 -34.60 -13.99
N MET A 108 3.99 -34.29 -12.69
CA MET A 108 4.78 -33.18 -12.15
C MET A 108 6.28 -33.37 -12.43
N GLU A 109 6.79 -34.58 -12.23
CA GLU A 109 8.19 -34.87 -12.48
C GLU A 109 8.55 -34.63 -13.94
N GLU A 110 7.68 -35.04 -14.85
CA GLU A 110 7.94 -34.80 -16.26
C GLU A 110 7.98 -33.30 -16.58
N ILE A 111 7.07 -32.53 -15.99
CA ILE A 111 7.11 -31.09 -16.24
C ILE A 111 8.41 -30.49 -15.71
N GLU A 112 8.77 -30.88 -14.49
CA GLU A 112 10.02 -30.41 -13.91
C GLU A 112 11.20 -30.77 -14.80
N LYS A 113 11.14 -31.94 -15.45
CA LYS A 113 12.20 -32.31 -16.38
C LYS A 113 12.28 -31.31 -17.52
N LEU A 114 11.13 -30.98 -18.12
CA LEU A 114 11.08 -29.96 -19.17
C LEU A 114 11.69 -28.65 -18.71
N LEU A 115 11.29 -28.18 -17.54
CA LEU A 115 11.73 -26.86 -17.07
C LEU A 115 13.23 -26.86 -16.78
N LEU A 116 13.76 -28.00 -16.30
CA LEU A 116 15.19 -28.08 -16.03
C LEU A 116 15.99 -28.18 -17.31
N ASP A 117 15.49 -28.93 -18.29
CA ASP A 117 16.21 -29.14 -19.54
C ASP A 117 16.16 -27.93 -20.48
N PHE A 118 15.12 -27.10 -20.36
CA PHE A 118 14.95 -25.99 -21.27
C PHE A 118 15.91 -24.87 -20.89
N LYS A 119 16.67 -24.39 -21.89
CA LYS A 119 17.72 -23.41 -21.68
C LYS A 119 17.41 -22.06 -22.30
N GLY A 120 16.13 -21.69 -22.37
CA GLY A 120 15.71 -20.41 -22.89
C GLY A 120 15.27 -19.47 -21.79
N ASN A 121 14.43 -18.52 -22.17
CA ASN A 121 13.98 -17.45 -21.28
C ASN A 121 12.54 -17.59 -20.78
N LYS A 122 11.65 -18.26 -21.51
CA LYS A 122 10.22 -18.16 -21.29
C LYS A 122 9.52 -19.49 -21.59
N VAL A 123 8.67 -19.93 -20.66
CA VAL A 123 7.82 -21.10 -20.79
C VAL A 123 6.37 -20.67 -20.72
N ILE A 124 5.61 -21.03 -21.74
CA ILE A 124 4.17 -20.77 -21.81
C ILE A 124 3.45 -22.10 -21.65
N PHE A 125 2.66 -22.25 -20.57
CA PHE A 125 1.73 -23.36 -20.42
C PHE A 125 0.43 -22.98 -21.13
N ASP A 126 0.15 -23.63 -22.25
CA ASP A 126 -1.08 -23.43 -23.01
C ASP A 126 -2.08 -24.49 -22.56
N LEU A 127 -3.13 -24.09 -21.84
CA LEU A 127 -4.07 -25.06 -21.30
C LEU A 127 -5.30 -25.25 -22.17
N THR A 128 -5.23 -24.88 -23.45
CA THR A 128 -6.41 -24.98 -24.30
C THR A 128 -6.85 -26.43 -24.50
N HIS A 129 -5.90 -27.31 -24.84
CA HIS A 129 -6.18 -28.67 -25.28
C HIS A 129 -5.83 -29.69 -24.20
N GLY A 130 -6.30 -30.92 -24.40
CA GLY A 130 -6.23 -31.96 -23.39
C GLY A 130 -7.38 -31.90 -22.39
N LEU A 131 -7.42 -32.89 -21.50
CA LEU A 131 -8.57 -33.01 -20.60
C LEU A 131 -8.64 -31.84 -19.63
N ARG A 132 -9.88 -31.48 -19.26
CA ARG A 132 -10.18 -30.56 -18.14
C ARG A 132 -9.34 -30.92 -16.93
N HIS A 133 -9.21 -32.21 -16.69
CA HIS A 133 -8.41 -32.74 -15.59
C HIS A 133 -6.98 -32.23 -15.63
N MET A 134 -6.32 -32.37 -16.80
CA MET A 134 -4.94 -31.93 -16.93
C MET A 134 -4.82 -30.45 -16.76
N ALA A 135 -5.76 -29.70 -17.36
CA ALA A 135 -5.66 -28.25 -17.33
C ALA A 135 -5.79 -27.73 -15.91
N ILE A 136 -6.79 -28.23 -15.18
CA ILE A 136 -6.99 -27.80 -13.80
C ILE A 136 -5.76 -28.13 -12.97
N PHE A 137 -5.28 -29.37 -13.08
CA PHE A 137 -4.14 -29.78 -12.25
C PHE A 137 -2.88 -28.95 -12.56
N THR A 138 -2.57 -28.78 -13.84
CA THR A 138 -1.39 -28.05 -14.25
C THR A 138 -1.46 -26.60 -13.80
N SER A 139 -2.62 -25.98 -14.03
CA SER A 139 -2.82 -24.62 -13.58
C SER A 139 -2.56 -24.52 -12.09
N SER A 140 -2.94 -25.55 -11.34
CA SER A 140 -2.72 -25.51 -9.90
C SER A 140 -1.27 -25.80 -9.49
N THR A 141 -0.46 -26.40 -10.36
CA THR A 141 0.95 -26.65 -9.99
C THR A 141 1.92 -25.60 -10.54
N VAL A 142 1.48 -24.77 -11.49
CA VAL A 142 2.43 -23.91 -12.16
C VAL A 142 3.06 -22.93 -11.18
N PHE A 143 2.31 -22.43 -10.21
CA PHE A 143 2.93 -21.48 -9.29
C PHE A 143 4.01 -22.15 -8.45
N TYR A 144 3.80 -23.41 -8.08
CA TYR A 144 4.85 -24.17 -7.39
C TYR A 144 6.08 -24.26 -8.26
N PHE A 145 5.88 -24.59 -9.53
CA PHE A 145 7.02 -24.71 -10.43
C PHE A 145 7.72 -23.38 -10.56
N LYS A 146 6.95 -22.29 -10.69
CA LYS A 146 7.53 -20.98 -10.84
C LYS A 146 8.36 -20.61 -9.63
N ASN A 147 7.88 -20.96 -8.43
CA ASN A 147 8.63 -20.70 -7.23
C ASN A 147 9.94 -21.48 -7.22
N LEU A 148 9.91 -22.74 -7.64
CA LEU A 148 11.16 -23.50 -7.68
C LEU A 148 12.13 -22.99 -8.74
N MET A 149 11.64 -22.73 -9.96
CA MET A 149 12.52 -22.56 -11.10
C MET A 149 12.87 -21.12 -11.40
N GLU A 150 11.90 -20.19 -11.30
CA GLU A 150 12.22 -18.78 -11.49
C GLU A 150 13.38 -18.40 -10.60
N LYS A 151 13.47 -19.02 -9.43
CA LYS A 151 14.62 -18.77 -8.57
C LYS A 151 15.82 -19.58 -9.05
N ALA A 152 15.67 -20.90 -9.22
CA ALA A 152 16.81 -21.72 -9.63
C ALA A 152 17.30 -21.37 -11.05
N ASN A 153 16.38 -21.32 -12.01
CA ASN A 153 16.67 -21.01 -13.40
C ASN A 153 16.15 -19.61 -13.72
N LYS A 154 16.53 -19.10 -14.89
CA LYS A 154 16.06 -17.78 -15.29
C LYS A 154 14.91 -17.95 -16.27
N LEU A 155 13.79 -18.45 -15.78
CA LEU A 155 12.69 -18.72 -16.68
C LEU A 155 11.47 -17.93 -16.31
N GLU A 156 10.84 -17.35 -17.30
CA GLU A 156 9.61 -16.66 -17.05
C GLU A 156 8.52 -17.62 -17.47
N MET A 157 7.63 -17.92 -16.54
CA MET A 157 6.58 -18.84 -16.83
C MET A 157 5.26 -18.12 -16.98
N LYS A 158 4.50 -18.51 -17.98
CA LYS A 158 3.19 -17.93 -18.13
C LYS A 158 2.16 -18.99 -18.38
N ILE A 159 0.93 -18.73 -17.96
CA ILE A 159 -0.15 -19.64 -18.22
C ILE A 159 -1.17 -18.95 -19.11
N VAL A 160 -1.51 -19.59 -20.21
CA VAL A 160 -2.46 -19.02 -21.13
C VAL A 160 -3.37 -20.06 -21.71
N TYR A 161 -4.49 -19.63 -22.28
CA TYR A 161 -5.29 -20.61 -22.99
C TYR A 161 -6.30 -19.90 -23.87
N GLY A 162 -6.66 -20.57 -24.97
CA GLY A 162 -7.71 -20.02 -25.79
C GLY A 162 -9.06 -20.35 -25.21
N ALA A 163 -9.81 -19.32 -24.82
CA ALA A 163 -11.10 -19.54 -24.18
C ALA A 163 -12.20 -19.69 -25.23
N TYR A 164 -12.18 -20.82 -25.92
CA TYR A 164 -13.17 -21.05 -26.98
C TYR A 164 -14.60 -21.10 -26.44
N GLU A 165 -14.79 -21.47 -25.17
CA GLU A 165 -16.14 -21.51 -24.64
C GLU A 165 -16.82 -20.15 -24.64
N ILE A 166 -16.06 -19.06 -24.68
CA ILE A 166 -16.62 -17.71 -24.70
C ILE A 166 -16.34 -17.01 -26.01
N GLY A 167 -15.95 -17.76 -27.05
CA GLY A 167 -15.54 -17.14 -28.28
C GLY A 167 -16.69 -16.67 -29.14
N GLU A 168 -16.39 -15.63 -29.92
CA GLU A 168 -17.31 -15.06 -30.89
C GLU A 168 -17.51 -16.02 -32.07
N GLU A 169 -18.74 -16.13 -32.54
CA GLU A 169 -19.08 -17.01 -33.65
C GLU A 169 -19.12 -16.30 -35.00
N ILE A 170 -18.20 -16.70 -35.89
CA ILE A 170 -18.17 -16.35 -37.31
C ILE A 170 -19.06 -17.25 -38.20
N GLU A 171 -18.86 -18.58 -38.14
CA GLU A 171 -19.44 -19.61 -39.02
C GLU A 171 -19.62 -20.90 -38.21
N LYS A 172 -20.03 -21.93 -38.93
CA LYS A 172 -20.17 -23.23 -38.32
C LYS A 172 -18.87 -23.50 -37.58
N ASN A 173 -18.90 -23.80 -36.28
CA ASN A 173 -17.68 -24.38 -35.73
C ASN A 173 -16.43 -23.54 -36.01
N LEU A 174 -16.62 -22.31 -36.49
CA LEU A 174 -15.54 -21.36 -36.69
C LEU A 174 -15.76 -20.19 -35.75
N LYS A 175 -14.84 -20.01 -34.82
CA LYS A 175 -14.98 -19.05 -33.75
C LYS A 175 -13.74 -18.16 -33.66
N LYS A 176 -14.00 -16.88 -33.44
CA LYS A 176 -13.00 -15.94 -32.94
C LYS A 176 -12.82 -16.18 -31.44
N VAL A 177 -11.60 -16.57 -31.02
CA VAL A 177 -11.35 -17.03 -29.69
C VAL A 177 -10.17 -16.24 -29.06
N PRO A 178 -10.35 -15.52 -27.98
CA PRO A 178 -9.20 -14.84 -27.36
C PRO A 178 -8.33 -15.80 -26.56
N ILE A 179 -7.02 -15.65 -26.73
CA ILE A 179 -6.08 -16.32 -25.85
C ILE A 179 -5.96 -15.43 -24.62
N LEU A 180 -6.41 -15.95 -23.49
CA LEU A 180 -6.32 -15.25 -22.23
C LEU A 180 -5.02 -15.61 -21.56
N ASP A 181 -4.38 -14.61 -20.96
CA ASP A 181 -3.18 -14.78 -20.14
C ASP A 181 -3.60 -14.56 -18.68
N ILE A 182 -3.47 -15.58 -17.85
CA ILE A 182 -3.81 -15.43 -16.44
C ILE A 182 -2.57 -15.53 -15.54
N THR A 183 -1.38 -15.24 -16.05
CA THR A 183 -0.18 -15.34 -15.21
C THR A 183 -0.27 -14.48 -13.96
N GLN A 184 -0.75 -13.25 -14.12
CA GLN A 184 -0.85 -12.31 -13.01
C GLN A 184 -1.61 -12.92 -11.85
N THR A 185 -2.69 -13.62 -12.17
CA THR A 185 -3.54 -14.16 -11.13
C THR A 185 -2.85 -15.32 -10.41
N LEU A 186 -2.00 -16.07 -11.11
CA LEU A 186 -1.20 -17.06 -10.39
C LEU A 186 -0.29 -16.38 -9.39
N GLU A 187 0.27 -15.24 -9.75
CA GLU A 187 1.27 -14.62 -8.89
C GLU A 187 0.70 -13.68 -7.82
N LEU A 188 -0.60 -13.42 -7.81
CA LEU A 188 -1.13 -12.40 -6.89
C LEU A 188 -0.67 -12.55 -5.43
N SER A 189 -0.51 -13.78 -4.93
CA SER A 189 -0.06 -14.01 -3.56
C SER A 189 1.21 -13.23 -3.19
N ASP A 190 2.07 -12.94 -4.17
CA ASP A 190 3.29 -12.19 -3.89
C ASP A 190 2.99 -10.81 -3.31
N LEU A 191 1.93 -10.14 -3.77
CA LEU A 191 1.54 -8.86 -3.19
C LEU A 191 1.32 -8.98 -1.68
N THR A 192 0.50 -9.97 -1.28
CA THR A 192 0.21 -10.17 0.12
C THR A 192 1.45 -10.51 0.91
N ILE A 193 2.26 -11.44 0.41
CA ILE A 193 3.45 -11.86 1.15
C ILE A 193 4.38 -10.67 1.35
N ALA A 194 4.57 -9.85 0.32
CA ALA A 194 5.47 -8.72 0.44
C ALA A 194 4.96 -7.75 1.51
N LEU A 195 3.67 -7.45 1.50
CA LEU A 195 3.16 -6.54 2.52
C LEU A 195 3.33 -7.15 3.90
N GLU A 196 3.11 -8.45 3.99
CA GLU A 196 3.28 -9.20 5.23
C GLU A 196 4.68 -9.02 5.79
N GLU A 197 5.68 -9.19 4.92
CA GLU A 197 7.07 -9.14 5.37
C GLU A 197 7.48 -7.72 5.72
N PHE A 198 7.03 -6.75 4.93
CA PHE A 198 7.37 -5.36 5.21
C PHE A 198 6.76 -4.93 6.54
N GLU A 199 5.49 -5.25 6.76
CA GLU A 199 4.84 -4.85 7.99
C GLU A 199 5.46 -5.57 9.19
N ARG A 200 5.64 -6.87 9.12
CA ARG A 200 6.06 -7.57 10.33
C ARG A 200 7.53 -7.34 10.64
N TYR A 201 8.39 -7.28 9.61
CA TYR A 201 9.82 -7.24 9.85
C TYR A 201 10.55 -6.07 9.23
N GLY A 202 9.87 -5.21 8.46
CA GLY A 202 10.59 -4.19 7.75
C GLY A 202 11.39 -4.71 6.58
N ILE A 203 11.11 -5.94 6.15
CA ILE A 203 11.83 -6.55 5.04
C ILE A 203 11.26 -5.97 3.76
N THR A 204 12.12 -5.53 2.89
CA THR A 204 11.72 -4.70 1.77
C THR A 204 11.96 -5.38 0.41
N GLU A 205 12.68 -6.50 0.40
CA GLU A 205 13.13 -7.13 -0.84
C GLU A 205 11.95 -7.57 -1.70
N ARG A 206 10.99 -8.27 -1.11
CA ARG A 206 9.85 -8.70 -1.92
C ARG A 206 9.03 -7.50 -2.39
N MET A 207 8.88 -6.46 -1.56
CA MET A 207 8.19 -5.25 -2.01
C MET A 207 8.83 -4.67 -3.27
N ILE A 208 10.17 -4.60 -3.30
CA ILE A 208 10.83 -4.04 -4.46
C ILE A 208 10.57 -4.91 -5.69
N ILE A 209 10.70 -6.24 -5.54
CA ILE A 209 10.45 -7.14 -6.66
C ILE A 209 9.01 -7.00 -7.16
N VAL A 210 8.07 -6.89 -6.23
CA VAL A 210 6.68 -6.71 -6.58
C VAL A 210 6.47 -5.41 -7.34
N LEU A 211 7.09 -4.32 -6.88
CA LEU A 211 6.94 -3.03 -7.55
C LEU A 211 7.48 -3.12 -8.99
N LYS A 212 8.56 -3.86 -9.18
CA LYS A 212 9.05 -4.05 -10.55
C LYS A 212 8.00 -4.75 -11.42
N ASN A 213 7.44 -5.87 -10.90
CA ASN A 213 6.45 -6.61 -11.69
C ASN A 213 5.19 -5.78 -11.92
N ILE A 214 4.80 -4.98 -10.94
CA ILE A 214 3.63 -4.13 -11.09
C ILE A 214 3.86 -3.10 -12.17
N GLN A 215 5.04 -2.49 -12.18
CA GLN A 215 5.39 -1.56 -13.25
C GLN A 215 5.24 -2.22 -14.62
N LYS A 216 5.79 -3.41 -14.78
CA LYS A 216 5.67 -4.09 -16.08
C LYS A 216 4.20 -4.27 -16.45
N ILE A 217 3.39 -4.75 -15.50
CA ILE A 217 1.98 -4.99 -15.78
C ILE A 217 1.29 -3.68 -16.16
N VAL A 218 1.48 -2.63 -15.36
CA VAL A 218 0.72 -1.39 -15.51
C VAL A 218 1.10 -0.64 -16.78
N ALA A 219 2.35 -0.78 -17.24
CA ALA A 219 2.75 -0.17 -18.51
C ALA A 219 1.96 -0.74 -19.68
N LYS A 220 1.36 -1.92 -19.54
CA LYS A 220 0.44 -2.38 -20.58
C LYS A 220 -0.63 -1.32 -20.85
N ASN A 221 -1.13 -0.68 -19.79
CA ASN A 221 -2.13 0.37 -19.92
C ASN A 221 -1.39 1.66 -20.27
N LYS A 222 -1.43 2.02 -21.54
CA LYS A 222 -0.65 3.15 -22.03
C LYS A 222 -1.21 4.50 -21.63
N LEU A 223 -2.41 4.57 -21.08
CA LEU A 223 -2.88 5.86 -20.55
C LEU A 223 -2.38 6.12 -19.13
N CYS A 224 -1.77 5.15 -18.48
CA CYS A 224 -1.22 5.38 -17.15
C CYS A 224 0.11 6.12 -17.28
N ASN A 225 0.24 7.20 -16.52
CA ASN A 225 1.41 8.06 -16.56
C ASN A 225 2.45 7.60 -15.54
N LEU A 226 3.44 6.85 -15.99
CA LEU A 226 4.42 6.27 -15.06
C LEU A 226 5.20 7.35 -14.33
N ASN A 227 5.27 8.57 -14.87
CA ASN A 227 5.96 9.63 -14.15
C ASN A 227 5.21 10.02 -12.89
N GLU A 228 3.92 9.72 -12.80
CA GLU A 228 3.21 9.94 -11.54
C GLU A 228 3.12 8.67 -10.71
N LEU A 229 3.19 7.50 -11.34
CA LEU A 229 3.27 6.27 -10.56
C LEU A 229 4.59 6.17 -9.81
N LYS A 230 5.71 6.52 -10.46
CA LYS A 230 7.00 6.65 -9.79
C LYS A 230 7.43 5.39 -9.03
N PHE A 231 7.21 4.20 -9.61
CA PHE A 231 7.50 2.97 -8.86
C PHE A 231 9.00 2.82 -8.60
N SER A 232 9.83 3.37 -9.50
CA SER A 232 11.28 3.38 -9.29
C SER A 232 11.68 4.15 -8.04
N SER A 233 11.13 5.37 -7.86
CA SER A 233 11.49 6.14 -6.67
C SER A 233 11.00 5.45 -5.42
N LEU A 234 9.83 4.81 -5.49
CA LEU A 234 9.34 4.06 -4.35
C LEU A 234 10.33 2.98 -3.95
N SER A 235 10.82 2.22 -4.93
CA SER A 235 11.76 1.16 -4.62
C SER A 235 13.03 1.72 -4.01
N ARG A 236 13.59 2.77 -4.63
CA ARG A 236 14.79 3.41 -4.07
C ARG A 236 14.58 3.82 -2.62
N GLU A 237 13.50 4.57 -2.34
CA GLU A 237 13.24 5.01 -0.98
C GLU A 237 13.07 3.82 -0.04
N LEU A 238 12.41 2.75 -0.51
CA LEU A 238 12.19 1.57 0.30
C LEU A 238 13.51 0.91 0.67
N LYS A 239 14.41 0.80 -0.29
CA LYS A 239 15.71 0.21 -0.01
C LYS A 239 16.46 1.05 1.01
N LEU A 240 16.41 2.38 0.85
CA LEU A 240 17.06 3.26 1.81
C LEU A 240 16.44 3.11 3.20
N PHE A 241 15.11 2.99 3.26
CA PHE A 241 14.43 2.83 4.53
C PHE A 241 14.88 1.55 5.22
N GLU A 242 14.99 0.48 4.45
CA GLU A 242 15.51 -0.77 5.00
C GLU A 242 16.95 -0.59 5.51
N GLU A 243 17.81 0.11 4.75
CA GLU A 243 19.17 0.36 5.25
C GLU A 243 19.14 1.10 6.58
N LEU A 244 18.26 2.09 6.70
CA LEU A 244 18.08 2.79 7.96
C LEU A 244 17.66 1.85 9.06
N LEU A 245 16.83 0.87 8.73
CA LEU A 245 16.46 -0.12 9.73
C LEU A 245 17.67 -0.99 10.12
N LYS A 246 18.49 -1.34 9.12
CA LYS A 246 19.61 -2.29 9.34
C LYS A 246 20.63 -1.73 10.31
N ILE A 247 20.88 -0.43 10.22
CA ILE A 247 21.83 0.23 11.15
C ILE A 247 21.01 0.89 12.24
N PRO A 248 21.56 1.15 13.42
CA PRO A 248 20.82 1.92 14.39
C PRO A 248 20.76 3.31 13.74
N SER A 249 19.57 3.88 13.59
CA SER A 249 19.46 5.19 12.90
C SER A 249 18.64 6.18 13.73
N PRO A 250 18.95 7.49 13.69
CA PRO A 250 18.18 8.50 14.40
C PRO A 250 16.71 8.44 13.97
N PRO A 251 15.76 8.52 14.93
CA PRO A 251 14.34 8.44 14.60
C PRO A 251 13.89 9.38 13.47
N GLU A 252 14.42 10.60 13.45
CA GLU A 252 13.97 11.60 12.45
C GLU A 252 14.25 11.09 11.04
N LYS A 253 15.36 10.38 10.85
CA LYS A 253 15.72 9.95 9.49
C LYS A 253 14.70 8.91 9.01
N ILE A 254 14.24 8.04 9.91
CA ILE A 254 13.27 6.98 9.55
C ILE A 254 11.92 7.65 9.28
N ALA A 255 11.54 8.61 10.11
CA ALA A 255 10.28 9.33 9.90
C ALA A 255 10.35 10.10 8.58
N ASN A 256 11.50 10.71 8.30
CA ASN A 256 11.67 11.50 7.04
C ASN A 256 11.61 10.53 5.86
N SER A 257 12.19 9.34 6.02
CA SER A 257 12.07 8.36 4.97
C SER A 257 10.63 7.96 4.77
N ILE A 258 9.90 7.73 5.87
CA ILE A 258 8.50 7.36 5.77
C ILE A 258 7.71 8.45 5.09
N TYR A 259 7.96 9.71 5.45
CA TYR A 259 7.18 10.78 4.84
C TYR A 259 7.48 10.91 3.35
N LYS A 260 8.74 10.69 2.94
CA LYS A 260 9.03 10.66 1.51
C LYS A 260 8.26 9.54 0.82
N ILE A 261 8.30 8.34 1.41
CA ILE A 261 7.63 7.19 0.81
C ILE A 261 6.14 7.46 0.70
N ASN A 262 5.55 8.04 1.76
CA ASN A 262 4.12 8.34 1.73
C ASN A 262 3.80 9.37 0.67
N ASP A 263 4.65 10.39 0.53
CA ASP A 263 4.40 11.44 -0.44
C ASP A 263 4.40 10.86 -1.85
N ILE A 264 5.37 10.00 -2.15
CA ILE A 264 5.40 9.35 -3.46
C ILE A 264 4.16 8.49 -3.66
N LEU A 265 3.78 7.73 -2.62
CA LEU A 265 2.67 6.80 -2.74
C LEU A 265 1.34 7.49 -2.98
N GLU A 266 1.08 8.63 -2.34
CA GLU A 266 -0.22 9.25 -2.57
C GLU A 266 -0.39 9.65 -4.03
N SER A 267 0.63 10.25 -4.64
CA SER A 267 0.48 10.58 -6.05
C SER A 267 0.40 9.31 -6.89
N SER A 268 1.10 8.25 -6.48
CA SER A 268 1.00 6.98 -7.18
C SER A 268 -0.44 6.42 -7.12
N ILE A 269 -1.05 6.46 -5.94
CA ILE A 269 -2.39 5.95 -5.74
C ILE A 269 -3.40 6.78 -6.53
N ARG A 270 -3.25 8.10 -6.50
CA ARG A 270 -4.14 8.94 -7.26
C ARG A 270 -4.03 8.61 -8.75
N GLU A 271 -2.81 8.48 -9.26
CA GLU A 271 -2.65 8.21 -10.69
C GLU A 271 -3.22 6.85 -11.05
N PHE A 272 -2.98 5.84 -10.22
CA PHE A 272 -3.48 4.51 -10.56
C PHE A 272 -5.00 4.46 -10.50
N LYS A 273 -5.59 5.09 -9.49
CA LYS A 273 -7.04 5.11 -9.41
C LYS A 273 -7.63 5.80 -10.63
N LEU A 274 -7.00 6.89 -11.08
CA LEU A 274 -7.53 7.58 -12.26
C LEU A 274 -7.32 6.79 -13.55
N CYS A 275 -6.07 6.49 -13.89
CA CYS A 275 -5.79 5.93 -15.22
C CYS A 275 -6.46 4.58 -15.42
N SER A 276 -6.58 3.77 -14.37
CA SER A 276 -7.21 2.47 -14.56
C SER A 276 -8.71 2.58 -14.79
N LYS A 277 -9.32 3.66 -14.27
CA LYS A 277 -10.72 3.95 -14.58
C LYS A 277 -10.91 4.50 -15.99
N ASN A 278 -9.91 5.21 -16.53
CA ASN A 278 -10.10 5.92 -17.80
C ASN A 278 -9.69 5.11 -19.03
N SER A 279 -9.53 3.80 -18.91
CA SER A 279 -9.21 2.98 -20.08
C SER A 279 -9.43 1.52 -19.72
N GLU A 280 -9.85 0.74 -20.72
CA GLU A 280 -10.04 -0.68 -20.47
C GLU A 280 -8.69 -1.25 -20.10
N ASN A 281 -8.65 -2.04 -19.04
CA ASN A 281 -7.37 -2.57 -18.60
C ASN A 281 -7.25 -4.02 -19.02
N LEU A 282 -6.01 -4.42 -19.28
CA LEU A 282 -5.76 -5.78 -19.74
C LEU A 282 -4.89 -6.45 -18.70
N PHE A 283 -5.35 -6.31 -17.47
CA PHE A 283 -4.78 -6.87 -16.26
C PHE A 283 -5.81 -6.64 -15.17
N PHE A 284 -5.60 -7.27 -14.02
CA PHE A 284 -6.47 -7.10 -12.87
C PHE A 284 -6.00 -5.89 -12.07
N ILE A 285 -6.90 -4.91 -11.93
CA ILE A 285 -6.55 -3.65 -11.25
C ILE A 285 -6.69 -3.79 -9.74
N LYS A 286 -7.73 -4.49 -9.29
CA LYS A 286 -8.11 -4.44 -7.88
C LYS A 286 -6.96 -4.85 -6.96
N PRO A 287 -6.24 -5.95 -7.19
CA PRO A 287 -5.13 -6.26 -6.28
C PRO A 287 -3.99 -5.24 -6.32
N ILE A 288 -3.67 -4.62 -7.46
CA ILE A 288 -2.62 -3.61 -7.49
C ILE A 288 -3.03 -2.38 -6.68
N GLN A 289 -4.26 -1.93 -6.88
CA GLN A 289 -4.82 -0.85 -6.05
C GLN A 289 -4.72 -1.21 -4.56
N LYS A 290 -5.21 -2.39 -4.20
CA LYS A 290 -5.18 -2.84 -2.81
C LYS A 290 -3.75 -2.88 -2.30
N PHE A 291 -2.80 -3.29 -3.15
CA PHE A 291 -1.43 -3.34 -2.73
C PHE A 291 -0.92 -1.96 -2.36
N LEU A 292 -1.20 -0.95 -3.19
CA LEU A 292 -0.65 0.37 -2.89
C LEU A 292 -1.31 0.97 -1.66
N VAL A 293 -2.63 0.79 -1.53
CA VAL A 293 -3.34 1.38 -0.40
C VAL A 293 -2.89 0.76 0.93
N ASP A 294 -2.77 -0.57 0.95
CA ASP A 294 -2.25 -1.24 2.15
C ASP A 294 -0.80 -0.87 2.41
N PHE A 295 0.02 -0.80 1.37
CA PHE A 295 1.40 -0.32 1.51
C PHE A 295 1.41 1.02 2.21
N GLN A 296 0.56 1.94 1.78
CA GLN A 296 0.54 3.26 2.39
C GLN A 296 0.14 3.19 3.87
N LYS A 297 -0.93 2.44 4.19
CA LYS A 297 -1.34 2.36 5.60
C LYS A 297 -0.20 1.76 6.45
N ILE A 298 0.48 0.75 5.89
CA ILE A 298 1.54 0.05 6.63
C ILE A 298 2.72 0.98 6.86
N VAL A 299 3.10 1.73 5.83
CA VAL A 299 4.27 2.57 5.96
C VAL A 299 4.00 3.65 6.99
N LEU A 300 2.77 4.20 7.03
CA LEU A 300 2.45 5.28 7.98
C LEU A 300 2.36 4.84 9.43
N GLU A 301 1.91 3.63 9.66
CA GLU A 301 2.07 2.83 10.85
C GLU A 301 3.47 2.45 11.25
N LYS A 302 4.47 2.57 10.39
CA LYS A 302 5.85 2.48 10.92
C LYS A 302 6.41 3.78 11.58
N LEU A 303 5.66 4.87 11.71
CA LEU A 303 6.21 6.16 12.15
C LEU A 303 6.66 6.14 13.61
N PRO A 304 7.84 6.70 13.92
CA PRO A 304 8.29 6.77 15.31
C PRO A 304 7.38 7.66 16.16
N LEU A 305 7.30 7.32 17.44
CA LEU A 305 6.43 7.97 18.41
C LEU A 305 7.21 8.58 19.56
N LYS B 2 3.91 21.19 1.73
CA LYS B 2 4.22 20.37 2.89
C LYS B 2 5.60 20.75 3.52
N LYS B 3 6.70 20.20 3.02
CA LYS B 3 8.03 20.44 3.57
C LYS B 3 8.91 21.25 2.63
N ILE B 4 9.46 22.34 3.14
CA ILE B 4 10.23 23.27 2.33
C ILE B 4 11.61 23.45 2.94
N LEU B 5 12.63 23.41 2.10
CA LEU B 5 13.98 23.80 2.46
C LEU B 5 14.35 25.09 1.73
N ILE B 6 14.81 26.08 2.47
CA ILE B 6 15.28 27.32 1.87
C ILE B 6 16.78 27.35 1.98
N VAL B 7 17.46 27.50 0.83
CA VAL B 7 18.91 27.62 0.75
C VAL B 7 19.25 29.06 0.39
N SER B 8 20.20 29.63 1.12
CA SER B 8 20.55 31.04 0.94
C SER B 8 22.02 31.24 1.25
N PHE B 9 22.58 32.32 0.73
CA PHE B 9 23.94 32.68 1.03
C PHE B 9 23.83 33.83 1.98
N LEU B 10 24.82 34.00 2.81
CA LEU B 10 24.80 35.08 3.77
C LEU B 10 26.09 35.82 3.69
N GLY B 11 26.00 37.08 3.36
CA GLY B 11 27.19 37.85 3.19
C GLY B 11 27.28 39.05 4.09
N LYS B 12 28.12 39.99 3.71
CA LYS B 12 28.33 41.14 4.52
C LYS B 12 27.50 42.22 3.97
N GLY B 13 26.90 42.96 4.85
CA GLY B 13 26.07 44.04 4.42
C GLY B 13 25.34 44.68 5.56
N ARG B 14 24.48 45.60 5.25
CA ARG B 14 23.77 46.32 6.29
C ARG B 14 22.48 45.62 6.70
N TYR B 15 21.93 44.82 5.82
CA TYR B 15 20.73 44.06 6.11
C TYR B 15 19.69 44.95 6.75
N TYR B 16 19.26 45.95 6.02
CA TYR B 16 18.26 46.86 6.51
C TYR B 16 16.93 46.21 6.64
N GLU B 17 16.14 46.70 7.58
CA GLU B 17 14.78 46.19 7.71
C GLU B 17 13.99 46.48 6.45
N THR B 18 13.22 45.49 5.99
CA THR B 18 12.62 45.52 4.66
C THR B 18 11.22 44.93 4.74
N PHE B 19 10.27 45.56 4.04
CA PHE B 19 8.92 45.05 3.88
C PHE B 19 8.87 44.09 2.70
N TYR B 20 9.07 42.81 2.94
CA TYR B 20 9.00 41.84 1.88
C TYR B 20 7.55 41.51 1.56
N TYR B 21 7.31 41.20 0.30
CA TYR B 21 5.95 40.75 -0.11
C TYR B 21 6.08 39.95 -1.38
N SER B 22 5.17 39.02 -1.58
CA SER B 22 5.15 38.28 -2.85
C SER B 22 4.40 39.14 -3.86
N ILE B 23 4.95 39.31 -5.06
CA ILE B 23 4.30 40.14 -6.12
C ILE B 23 2.89 39.60 -6.36
N GLU B 24 2.65 38.35 -5.97
CA GLU B 24 1.35 37.64 -6.11
C GLU B 24 0.39 38.09 -5.01
N HIS B 25 0.94 38.43 -3.84
CA HIS B 25 0.08 38.82 -2.70
C HIS B 25 0.62 40.11 -2.10
N SER B 26 0.35 41.24 -2.77
CA SER B 26 0.89 42.53 -2.32
C SER B 26 0.35 42.89 -0.94
N GLU B 27 -0.78 42.28 -0.56
CA GLU B 27 -1.41 42.59 0.74
C GLU B 27 -0.53 42.05 1.87
N LYS B 28 -0.04 40.81 1.74
CA LYS B 28 0.71 40.25 2.86
C LYS B 28 2.16 40.73 2.80
N MET B 29 2.52 41.65 3.69
CA MET B 29 3.89 42.13 3.83
C MET B 29 4.48 41.70 5.17
N VAL B 30 5.74 41.31 5.12
CA VAL B 30 6.50 40.81 6.24
C VAL B 30 7.73 41.69 6.40
N LYS B 31 7.86 42.35 7.54
CA LYS B 31 9.00 43.23 7.82
C LYS B 31 10.10 42.42 8.50
N LYS B 32 11.15 42.13 7.74
CA LYS B 32 12.30 41.41 8.25
C LYS B 32 13.53 41.91 7.50
N ARG B 33 14.70 41.58 8.04
CA ARG B 33 15.91 41.89 7.30
C ARG B 33 16.21 40.80 6.28
N LEU B 34 15.92 39.54 6.61
CA LEU B 34 16.32 38.41 5.81
C LEU B 34 15.16 37.95 4.93
N SER B 35 15.34 38.05 3.63
CA SER B 35 14.36 37.47 2.72
C SER B 35 14.07 35.99 3.03
N PRO B 36 15.04 35.12 3.30
CA PRO B 36 14.69 33.73 3.66
C PRO B 36 13.76 33.62 4.87
N LEU B 37 13.94 34.47 5.89
CA LEU B 37 12.99 34.46 7.00
C LEU B 37 11.61 34.94 6.55
N ALA B 38 11.55 36.00 5.75
CA ALA B 38 10.24 36.45 5.28
C ALA B 38 9.54 35.37 4.46
N ASN B 39 10.27 34.72 3.56
CA ASN B 39 9.65 33.68 2.76
C ASN B 39 9.22 32.51 3.62
N ALA B 40 10.04 32.14 4.60
CA ALA B 40 9.65 31.08 5.51
C ALA B 40 8.34 31.41 6.20
N ILE B 41 8.18 32.66 6.66
CA ILE B 41 6.96 33.07 7.36
C ILE B 41 5.76 32.96 6.42
N LEU B 42 5.91 33.46 5.19
CA LEU B 42 4.83 33.41 4.21
C LEU B 42 4.44 31.97 3.88
N GLU B 43 5.45 31.10 3.69
CA GLU B 43 5.17 29.70 3.37
C GLU B 43 4.56 29.00 4.55
N LYS B 44 4.93 29.42 5.76
CA LYS B 44 4.33 28.81 6.93
C LYS B 44 2.85 29.16 7.01
N GLU B 45 2.47 30.39 6.64
CA GLU B 45 1.03 30.70 6.61
C GLU B 45 0.32 29.81 5.60
N ASN B 46 1.00 29.43 4.53
CA ASN B 46 0.42 28.49 3.58
C ASN B 46 0.36 27.08 4.13
N GLY B 47 0.77 26.87 5.38
CA GLY B 47 0.66 25.56 5.97
C GLY B 47 1.86 24.67 5.73
N ASN B 48 3.00 25.23 5.41
CA ASN B 48 4.17 24.42 5.16
C ASN B 48 5.16 24.41 6.33
N ASP B 49 5.91 23.33 6.40
CA ASP B 49 7.06 23.19 7.28
C ASP B 49 8.30 23.73 6.56
N VAL B 50 9.06 24.61 7.20
CA VAL B 50 10.18 25.28 6.55
C VAL B 50 11.44 25.11 7.37
N GLU B 51 12.53 24.76 6.71
CA GLU B 51 13.88 24.77 7.27
C GLU B 51 14.75 25.65 6.37
N ILE B 52 15.72 26.35 6.99
CA ILE B 52 16.63 27.25 6.29
C ILE B 52 18.07 26.78 6.47
N ILE B 53 18.84 26.78 5.38
CA ILE B 53 20.27 26.52 5.45
C ILE B 53 21.03 27.68 4.82
N PHE B 54 22.07 28.15 5.51
CA PHE B 54 22.87 29.29 5.07
C PHE B 54 24.28 28.85 4.68
N PHE B 55 24.73 29.28 3.51
CA PHE B 55 26.14 29.16 3.13
C PHE B 55 26.88 30.42 3.55
N VAL B 56 28.01 30.24 4.25
CA VAL B 56 28.83 31.40 4.72
C VAL B 56 30.32 31.12 4.47
N THR B 57 31.09 32.18 4.27
CA THR B 57 32.55 32.04 4.04
C THR B 57 33.29 32.26 5.36
N ASN B 58 34.52 31.75 5.47
CA ASN B 58 35.33 31.99 6.69
C ASN B 58 35.44 33.49 6.91
N GLU B 59 35.67 34.25 5.86
CA GLU B 59 35.82 35.69 5.99
C GLU B 59 34.61 36.35 6.55
N VAL B 60 33.46 36.08 5.95
CA VAL B 60 32.22 36.78 6.41
C VAL B 60 32.05 36.50 7.91
N LYS B 61 32.46 35.32 8.35
CA LYS B 61 32.36 34.97 9.78
C LYS B 61 33.31 35.85 10.60
N ASN B 62 34.59 35.86 10.25
CA ASN B 62 35.62 36.59 11.03
C ASN B 62 35.52 38.10 10.80
N GLU B 63 35.48 38.52 9.55
CA GLU B 63 35.52 39.93 9.21
C GLU B 63 34.28 40.65 9.70
N PHE B 64 33.13 39.98 9.62
CA PHE B 64 31.85 40.64 9.81
C PHE B 64 31.09 40.08 11.00
N LEU B 65 30.80 38.78 11.01
CA LEU B 65 29.91 38.22 12.01
C LEU B 65 30.51 38.34 13.41
N TYR B 66 31.84 38.22 13.53
CA TYR B 66 32.52 38.21 14.82
C TYR B 66 32.94 39.60 15.28
N ASP B 67 32.32 40.66 14.76
CA ASP B 67 32.66 42.02 15.17
C ASP B 67 31.70 42.55 16.23
N GLU B 68 32.22 42.83 17.43
CA GLU B 68 31.35 43.37 18.46
C GLU B 68 30.88 44.78 18.11
N ASN B 69 31.69 45.52 17.37
CA ASN B 69 31.45 46.92 17.10
C ASN B 69 30.83 47.13 15.74
N ASN B 70 30.37 46.07 15.11
CA ASN B 70 29.73 46.17 13.81
C ASN B 70 28.28 45.83 14.10
N GLU B 71 27.51 46.88 14.17
CA GLU B 71 26.10 46.94 14.53
C GLU B 71 25.15 46.39 13.47
N TYR B 72 25.53 46.44 12.20
CA TYR B 72 24.82 45.63 11.22
C TYR B 72 25.00 44.12 11.48
N ALA B 73 26.21 43.68 11.88
CA ALA B 73 26.47 42.25 12.07
C ALA B 73 25.62 41.65 13.18
N LYS B 74 25.73 42.13 14.44
CA LYS B 74 24.73 41.57 15.35
C LYS B 74 23.33 42.10 15.25
N ASN B 75 22.98 43.11 14.42
CA ASN B 75 21.55 43.21 14.10
C ASN B 75 21.11 41.95 13.37
N ILE B 76 21.90 41.55 12.37
CA ILE B 76 21.57 40.38 11.56
C ILE B 76 21.69 39.12 12.41
N LEU B 77 22.70 39.05 13.30
CA LEU B 77 22.81 37.93 14.23
C LEU B 77 21.59 37.85 15.13
N ASN B 78 21.07 39.00 15.57
CA ASN B 78 19.88 38.96 16.40
C ASN B 78 18.70 38.37 15.64
N GLU B 79 18.52 38.77 14.36
CA GLU B 79 17.44 38.17 13.58
C GLU B 79 17.67 36.68 13.36
N LEU B 80 18.90 36.30 13.08
CA LEU B 80 19.21 34.88 12.87
C LEU B 80 18.92 34.10 14.13
N ASN B 81 19.20 34.69 15.28
CA ASN B 81 18.97 34.02 16.54
C ASN B 81 17.49 33.87 16.83
N GLU B 82 16.65 34.80 16.36
CA GLU B 82 15.23 34.59 16.62
C GLU B 82 14.54 33.80 15.53
N ILE B 83 15.26 33.33 14.51
CA ILE B 83 14.57 32.41 13.58
C ILE B 83 14.04 31.18 14.32
N LYS B 84 14.78 30.69 15.32
CA LYS B 84 14.31 29.49 16.01
C LYS B 84 12.98 29.71 16.71
N ASN B 85 12.65 30.96 17.06
CA ASN B 85 11.40 31.23 17.74
C ASN B 85 10.17 30.99 16.86
N TYR B 86 10.34 30.99 15.53
CA TYR B 86 9.21 30.77 14.64
C TYR B 86 9.08 29.31 14.23
N GLY B 87 9.80 28.40 14.89
CA GLY B 87 9.71 26.99 14.52
C GLY B 87 10.37 26.66 13.20
N ILE B 88 11.39 27.41 12.82
CA ILE B 88 12.14 27.18 11.59
C ILE B 88 13.54 26.72 11.98
N LYS B 89 13.87 25.49 11.61
CA LYS B 89 15.22 25.02 11.85
C LYS B 89 16.17 25.75 10.91
N VAL B 90 17.28 26.26 11.46
CA VAL B 90 18.28 26.98 10.70
C VAL B 90 19.65 26.38 11.03
N SER B 91 20.49 26.22 10.01
CA SER B 91 21.85 25.73 10.15
C SER B 91 22.75 26.40 9.13
N TYR B 92 24.05 26.15 9.27
CA TYR B 92 25.06 26.85 8.51
C TYR B 92 26.02 25.85 7.90
N ARG B 93 26.52 26.19 6.72
CA ARG B 93 27.52 25.39 6.03
C ARG B 93 28.67 26.29 5.59
N ASP B 94 29.90 25.85 5.85
CA ASP B 94 31.07 26.59 5.40
C ASP B 94 31.35 26.30 3.93
N ILE B 95 31.62 27.35 3.15
CA ILE B 95 32.04 27.20 1.76
C ILE B 95 33.19 28.16 1.48
N PRO B 96 33.99 27.87 0.44
CA PRO B 96 35.03 28.82 0.02
C PRO B 96 34.40 30.01 -0.71
N LYS B 97 35.24 31.02 -0.93
CA LYS B 97 34.81 32.23 -1.60
C LYS B 97 34.47 31.98 -3.07
N GLY B 98 34.95 30.88 -3.65
CA GLY B 98 34.66 30.59 -5.05
C GLY B 98 35.51 31.38 -6.02
N LYS B 99 36.82 31.41 -5.82
CA LYS B 99 37.68 32.18 -6.71
C LYS B 99 38.03 31.46 -8.01
N ASN B 100 37.74 30.15 -8.11
CA ASN B 100 38.01 29.42 -9.33
C ASN B 100 37.07 28.22 -9.40
N TYR B 101 37.22 27.42 -10.45
CA TYR B 101 36.28 26.34 -10.70
C TYR B 101 36.40 25.20 -9.69
N GLU B 102 37.58 24.93 -9.15
CA GLU B 102 37.63 23.87 -8.14
C GLU B 102 36.81 24.26 -6.91
N GLU B 103 36.92 25.52 -6.48
CA GLU B 103 36.10 26.03 -5.38
C GLU B 103 34.61 26.10 -5.75
N LEU B 104 34.28 26.55 -6.97
CA LEU B 104 32.86 26.56 -7.35
C LEU B 104 32.32 25.13 -7.42
N GLU B 105 33.15 24.20 -7.85
CA GLU B 105 32.81 22.78 -7.82
C GLU B 105 32.54 22.33 -6.38
N ILE B 106 33.36 22.78 -5.43
CA ILE B 106 33.11 22.48 -4.03
C ILE B 106 31.74 22.98 -3.59
N ILE B 107 31.39 24.22 -3.98
CA ILE B 107 30.11 24.81 -3.61
C ILE B 107 28.96 24.00 -4.18
N MET B 108 29.08 23.62 -5.46
CA MET B 108 28.11 22.76 -6.13
C MET B 108 27.94 21.45 -5.38
N GLU B 109 29.05 20.85 -4.94
CA GLU B 109 28.97 19.60 -4.20
C GLU B 109 28.19 19.79 -2.91
N GLU B 110 28.45 20.89 -2.21
CA GLU B 110 27.72 21.12 -0.96
C GLU B 110 26.22 21.29 -1.24
N ILE B 111 25.88 21.99 -2.33
CA ILE B 111 24.48 22.12 -2.70
C ILE B 111 23.90 20.75 -2.95
N GLU B 112 24.63 19.93 -3.70
CA GLU B 112 24.14 18.60 -3.97
C GLU B 112 23.97 17.81 -2.68
N LYS B 113 24.86 18.03 -1.74
CA LYS B 113 24.80 17.27 -0.52
C LYS B 113 23.47 17.58 0.21
N LEU B 114 23.15 18.88 0.34
CA LEU B 114 21.85 19.36 0.84
C LEU B 114 20.67 18.76 0.09
N LEU B 115 20.74 18.73 -1.26
CA LEU B 115 19.61 18.26 -2.04
C LEU B 115 19.38 16.76 -1.81
N LEU B 116 20.45 15.99 -1.66
CA LEU B 116 20.29 14.55 -1.44
C LEU B 116 19.83 14.25 -0.02
N ASP B 117 20.25 15.06 0.95
CA ASP B 117 19.85 14.84 2.33
C ASP B 117 18.37 15.19 2.56
N PHE B 118 17.82 16.11 1.77
CA PHE B 118 16.49 16.63 2.01
C PHE B 118 15.40 15.66 1.54
N LYS B 119 14.46 15.37 2.41
CA LYS B 119 13.40 14.40 2.13
C LYS B 119 12.04 15.06 2.09
N GLY B 120 11.97 16.34 1.77
CA GLY B 120 10.72 17.05 1.71
C GLY B 120 10.26 17.27 0.28
N ASN B 121 9.44 18.31 0.10
CA ASN B 121 8.78 18.51 -1.19
C ASN B 121 9.40 19.59 -2.04
N LYS B 122 9.97 20.61 -1.41
CA LYS B 122 10.29 21.80 -2.18
C LYS B 122 11.57 22.40 -1.62
N VAL B 123 12.48 22.76 -2.51
CA VAL B 123 13.69 23.51 -2.18
C VAL B 123 13.58 24.86 -2.88
N ILE B 124 13.73 25.93 -2.12
CA ILE B 124 13.73 27.30 -2.60
C ILE B 124 15.14 27.85 -2.50
N PHE B 125 15.74 28.17 -3.64
CA PHE B 125 16.99 28.92 -3.67
C PHE B 125 16.64 30.40 -3.60
N ASP B 126 16.91 31.02 -2.45
CA ASP B 126 16.66 32.46 -2.26
C ASP B 126 17.97 33.20 -2.48
N LEU B 127 18.10 33.88 -3.62
CA LEU B 127 19.37 34.47 -4.00
C LEU B 127 19.48 35.93 -3.61
N THR B 128 18.67 36.38 -2.65
CA THR B 128 18.68 37.79 -2.28
C THR B 128 20.02 38.20 -1.67
N HIS B 129 20.55 37.40 -0.77
CA HIS B 129 21.68 37.78 0.05
C HIS B 129 22.95 37.07 -0.43
N GLY B 130 24.10 37.54 0.05
CA GLY B 130 25.36 37.03 -0.41
C GLY B 130 25.81 37.72 -1.69
N LEU B 131 27.02 37.34 -2.14
CA LEU B 131 27.66 38.01 -3.26
C LEU B 131 26.86 37.84 -4.55
N ARG B 132 26.89 38.88 -5.39
CA ARG B 132 26.40 38.75 -6.75
C ARG B 132 27.03 37.53 -7.43
N HIS B 133 28.31 37.30 -7.16
CA HIS B 133 29.05 36.16 -7.69
C HIS B 133 28.34 34.85 -7.38
N MET B 134 27.99 34.66 -6.10
CA MET B 134 27.32 33.45 -5.66
C MET B 134 25.95 33.33 -6.28
N ALA B 135 25.22 34.45 -6.35
CA ALA B 135 23.86 34.40 -6.88
C ALA B 135 23.85 33.99 -8.35
N ILE B 136 24.70 34.61 -9.17
CA ILE B 136 24.75 34.24 -10.56
C ILE B 136 25.12 32.77 -10.71
N PHE B 137 26.21 32.34 -10.07
CA PHE B 137 26.66 30.97 -10.31
C PHE B 137 25.61 29.95 -9.85
N THR B 138 25.05 30.14 -8.65
CA THR B 138 24.06 29.21 -8.16
C THR B 138 22.87 29.12 -9.10
N SER B 139 22.41 30.28 -9.59
CA SER B 139 21.31 30.34 -10.55
C SER B 139 21.64 29.51 -11.79
N SER B 140 22.89 29.57 -12.22
CA SER B 140 23.34 28.83 -13.40
C SER B 140 23.45 27.34 -13.14
N THR B 141 23.39 26.94 -11.87
CA THR B 141 23.46 25.54 -11.49
C THR B 141 22.10 24.89 -11.19
N VAL B 142 21.08 25.70 -10.90
CA VAL B 142 19.84 25.15 -10.37
C VAL B 142 19.16 24.26 -11.41
N PHE B 143 19.18 24.65 -12.68
CA PHE B 143 18.46 23.82 -13.64
C PHE B 143 19.10 22.45 -13.77
N TYR B 144 20.43 22.39 -13.70
CA TYR B 144 21.09 21.10 -13.70
C TYR B 144 20.57 20.26 -12.54
N PHE B 145 20.47 20.87 -11.37
CA PHE B 145 19.96 20.09 -10.24
C PHE B 145 18.52 19.67 -10.46
N LYS B 146 17.69 20.56 -11.01
CA LYS B 146 16.28 20.23 -11.19
C LYS B 146 16.11 19.07 -12.15
N ASN B 147 16.85 19.08 -13.26
CA ASN B 147 16.77 17.98 -14.21
C ASN B 147 17.36 16.71 -13.63
N LEU B 148 18.37 16.86 -12.79
CA LEU B 148 18.96 15.70 -12.15
C LEU B 148 18.00 15.01 -11.17
N MET B 149 17.24 15.78 -10.39
CA MET B 149 16.58 15.19 -9.25
C MET B 149 15.08 15.41 -9.12
N GLU B 150 14.47 16.32 -9.87
CA GLU B 150 13.09 16.71 -9.58
C GLU B 150 12.12 15.55 -9.80
N LYS B 151 12.28 14.84 -10.89
CA LYS B 151 11.35 13.76 -11.17
C LYS B 151 11.70 12.52 -10.34
N ALA B 152 13.00 12.28 -10.16
CA ALA B 152 13.48 11.10 -9.45
C ALA B 152 13.09 11.12 -7.97
N ASN B 153 13.18 12.28 -7.32
CA ASN B 153 12.92 12.38 -5.88
C ASN B 153 11.63 13.10 -5.53
N LYS B 154 10.77 13.37 -6.50
CA LYS B 154 9.62 14.23 -6.31
C LYS B 154 10.01 15.46 -5.51
N LEU B 155 11.02 16.18 -6.02
CA LEU B 155 11.58 17.36 -5.35
C LEU B 155 11.38 18.58 -6.25
N GLU B 156 10.50 19.48 -5.84
CA GLU B 156 10.29 20.74 -6.57
C GLU B 156 11.40 21.74 -6.21
N MET B 157 12.01 22.39 -7.20
CA MET B 157 13.03 23.39 -6.91
C MET B 157 12.64 24.72 -7.56
N LYS B 158 12.81 25.79 -6.76
CA LYS B 158 12.41 27.15 -7.08
C LYS B 158 13.60 28.10 -6.94
N ILE B 159 13.57 29.18 -7.72
CA ILE B 159 14.51 30.30 -7.55
C ILE B 159 13.67 31.55 -7.27
N VAL B 160 13.96 32.20 -6.15
CA VAL B 160 13.26 33.43 -5.80
C VAL B 160 14.29 34.40 -5.24
N TYR B 161 13.92 35.67 -5.21
CA TYR B 161 14.67 36.68 -4.47
C TYR B 161 13.89 37.97 -4.33
N GLY B 162 14.16 38.72 -3.26
CA GLY B 162 13.60 40.04 -3.12
C GLY B 162 14.37 41.02 -4.00
N ALA B 163 13.70 41.68 -4.95
CA ALA B 163 14.39 42.56 -5.88
C ALA B 163 14.52 43.96 -5.27
N TYR B 164 15.37 44.07 -4.25
CA TYR B 164 15.48 45.33 -3.53
C TYR B 164 15.94 46.46 -4.44
N GLU B 165 16.64 46.14 -5.53
CA GLU B 165 17.12 47.19 -6.44
C GLU B 165 15.98 47.96 -7.09
N ILE B 166 14.82 47.35 -7.27
CA ILE B 166 13.68 48.02 -7.83
C ILE B 166 12.64 48.25 -6.75
N GLY B 167 13.09 48.19 -5.49
CA GLY B 167 12.21 48.30 -4.36
C GLY B 167 11.79 49.71 -4.01
N GLU B 168 10.66 49.72 -3.32
CA GLU B 168 9.99 50.87 -2.72
C GLU B 168 10.78 51.56 -1.62
N GLU B 169 10.88 52.87 -1.73
CA GLU B 169 11.48 53.71 -0.69
C GLU B 169 10.28 54.23 0.09
N ILE B 170 9.82 53.49 1.11
CA ILE B 170 8.72 54.05 1.90
C ILE B 170 9.25 55.04 2.94
N GLU B 171 10.31 54.65 3.64
CA GLU B 171 10.96 55.41 4.69
C GLU B 171 12.46 55.30 4.46
N LYS B 172 13.21 55.92 5.33
CA LYS B 172 14.62 56.02 5.13
C LYS B 172 15.14 54.60 5.11
N ASN B 173 15.88 54.20 4.07
CA ASN B 173 16.47 52.85 4.11
C ASN B 173 15.43 51.79 4.48
N LEU B 174 14.14 52.11 4.37
CA LEU B 174 13.06 51.15 4.57
C LEU B 174 12.40 50.95 3.23
N LYS B 175 12.47 49.73 2.72
CA LYS B 175 12.05 49.46 1.36
C LYS B 175 10.97 48.39 1.40
N LYS B 176 9.90 48.62 0.67
CA LYS B 176 8.97 47.56 0.30
C LYS B 176 9.54 46.84 -0.93
N VAL B 177 9.83 45.55 -0.80
CA VAL B 177 10.57 44.81 -1.82
C VAL B 177 9.79 43.61 -2.26
N PRO B 178 9.43 43.47 -3.54
CA PRO B 178 8.74 42.26 -4.00
C PRO B 178 9.70 41.10 -4.10
N ILE B 179 9.26 39.95 -3.60
CA ILE B 179 9.97 38.70 -3.79
C ILE B 179 9.48 38.10 -5.10
N LEU B 180 10.37 38.06 -6.09
CA LEU B 180 10.08 37.51 -7.40
C LEU B 180 10.48 36.05 -7.44
N ASP B 181 9.62 35.23 -8.05
CA ASP B 181 9.91 33.81 -8.28
C ASP B 181 10.10 33.66 -9.79
N ILE B 182 11.32 33.33 -10.20
CA ILE B 182 11.62 33.23 -11.63
C ILE B 182 11.81 31.79 -12.08
N THR B 183 11.20 30.83 -11.38
CA THR B 183 11.42 29.39 -11.69
C THR B 183 10.89 29.05 -13.08
N GLN B 184 9.84 29.73 -13.53
CA GLN B 184 9.25 29.45 -14.87
C GLN B 184 10.29 29.68 -15.97
N THR B 185 11.15 30.68 -15.81
CA THR B 185 12.18 31.01 -16.83
C THR B 185 13.21 29.87 -16.88
N LEU B 186 13.47 29.25 -15.74
CA LEU B 186 14.45 28.15 -15.65
C LEU B 186 13.93 26.93 -16.43
N GLU B 187 12.62 26.69 -16.37
CA GLU B 187 12.05 25.48 -17.00
C GLU B 187 11.62 25.75 -18.44
N LEU B 188 11.59 27.00 -18.88
CA LEU B 188 11.08 27.34 -20.24
C LEU B 188 11.67 26.41 -21.31
N SER B 189 12.88 25.89 -21.07
CA SER B 189 13.53 24.98 -22.03
C SER B 189 12.74 23.69 -22.18
N ASP B 190 12.10 23.24 -21.10
CA ASP B 190 11.33 21.98 -21.13
C ASP B 190 10.26 22.05 -22.22
N LEU B 191 9.64 23.21 -22.38
CA LEU B 191 8.61 23.40 -23.43
C LEU B 191 9.27 23.13 -24.80
N THR B 192 10.39 23.77 -25.07
CA THR B 192 11.07 23.61 -26.38
C THR B 192 11.49 22.15 -26.58
N ILE B 193 12.04 21.55 -25.54
CA ILE B 193 12.47 20.16 -25.63
C ILE B 193 11.26 19.23 -25.85
N ALA B 194 10.15 19.49 -25.16
CA ALA B 194 8.98 18.64 -25.32
C ALA B 194 8.45 18.70 -26.74
N LEU B 195 8.35 19.91 -27.27
CA LEU B 195 7.98 20.06 -28.67
C LEU B 195 9.02 19.39 -29.57
N GLU B 196 10.29 19.41 -29.17
CA GLU B 196 11.35 18.78 -29.94
C GLU B 196 10.98 17.33 -30.19
N GLU B 197 10.79 16.65 -29.07
CA GLU B 197 10.65 15.20 -29.01
C GLU B 197 9.40 14.75 -29.71
N PHE B 198 8.31 15.48 -29.48
CA PHE B 198 7.07 15.09 -30.10
C PHE B 198 7.15 15.25 -31.62
N GLU B 199 7.69 16.36 -32.09
CA GLU B 199 7.76 16.57 -33.53
C GLU B 199 8.64 15.51 -34.20
N ARG B 200 9.83 15.28 -33.64
CA ARG B 200 10.81 14.41 -34.28
C ARG B 200 10.52 12.92 -34.11
N TYR B 201 10.13 12.49 -32.91
CA TYR B 201 10.03 11.07 -32.62
C TYR B 201 8.64 10.62 -32.18
N GLY B 202 7.68 11.54 -32.09
CA GLY B 202 6.40 11.14 -31.54
C GLY B 202 6.42 10.90 -30.05
N ILE B 203 7.42 11.41 -29.34
CA ILE B 203 7.52 11.22 -27.89
C ILE B 203 6.55 12.18 -27.21
N THR B 204 5.71 11.68 -26.29
CA THR B 204 4.74 12.58 -25.67
C THR B 204 4.87 12.73 -24.16
N GLU B 205 5.73 11.95 -23.50
CA GLU B 205 5.79 11.99 -22.03
C GLU B 205 6.18 13.38 -21.54
N ARG B 206 7.20 13.98 -22.17
CA ARG B 206 7.61 15.33 -21.81
C ARG B 206 6.52 16.35 -22.11
N MET B 207 5.80 16.16 -23.23
CA MET B 207 4.66 17.01 -23.58
C MET B 207 3.61 17.02 -22.45
N ILE B 208 3.30 15.84 -21.92
CA ILE B 208 2.28 15.71 -20.88
C ILE B 208 2.75 16.36 -19.59
N ILE B 209 4.00 16.11 -19.21
CA ILE B 209 4.52 16.72 -17.99
C ILE B 209 4.45 18.24 -18.10
N VAL B 210 4.78 18.77 -19.28
CA VAL B 210 4.72 20.22 -19.52
C VAL B 210 3.29 20.74 -19.40
N LEU B 211 2.33 20.06 -20.04
CA LEU B 211 0.95 20.46 -19.86
C LEU B 211 0.62 20.47 -18.37
N LYS B 212 1.18 19.53 -17.67
CA LYS B 212 0.74 19.29 -16.32
C LYS B 212 1.12 20.48 -15.44
N ASN B 213 2.38 20.90 -15.62
CA ASN B 213 2.95 22.08 -14.98
C ASN B 213 2.30 23.41 -15.43
N ILE B 214 1.93 23.49 -16.70
CA ILE B 214 1.26 24.68 -17.21
C ILE B 214 -0.07 24.85 -16.49
N GLN B 215 -0.80 23.75 -16.31
CA GLN B 215 -2.03 23.80 -15.51
C GLN B 215 -1.77 24.35 -14.11
N LYS B 216 -0.74 23.82 -13.45
CA LYS B 216 -0.44 24.34 -12.11
C LYS B 216 -0.19 25.85 -12.16
N ILE B 217 0.62 26.29 -13.13
CA ILE B 217 0.96 27.71 -13.26
C ILE B 217 -0.28 28.54 -13.51
N VAL B 218 -1.12 28.12 -14.45
CA VAL B 218 -2.26 28.95 -14.83
C VAL B 218 -3.29 29.02 -13.70
N ALA B 219 -3.34 28.00 -12.83
CA ALA B 219 -4.30 28.07 -11.72
C ALA B 219 -4.04 29.26 -10.80
N LYS B 220 -2.83 29.84 -10.82
CA LYS B 220 -2.56 31.06 -10.08
C LYS B 220 -3.56 32.16 -10.42
N ASN B 221 -4.00 32.25 -11.68
CA ASN B 221 -5.03 33.20 -12.06
C ASN B 221 -6.40 32.57 -11.88
N LYS B 222 -7.13 33.03 -10.86
CA LYS B 222 -8.45 32.51 -10.50
C LYS B 222 -9.53 32.88 -11.51
N LEU B 223 -9.26 33.83 -12.41
CA LEU B 223 -10.19 34.15 -13.49
C LEU B 223 -10.07 33.23 -14.69
N CYS B 224 -9.06 32.36 -14.70
CA CYS B 224 -8.87 31.40 -15.77
C CYS B 224 -9.84 30.24 -15.62
N ASN B 225 -10.52 29.88 -16.71
CA ASN B 225 -11.47 28.78 -16.66
C ASN B 225 -10.76 27.48 -16.97
N LEU B 226 -10.36 26.75 -15.93
CA LEU B 226 -9.67 25.49 -16.14
C LEU B 226 -10.58 24.48 -16.82
N ASN B 227 -11.90 24.66 -16.73
CA ASN B 227 -12.79 23.76 -17.44
C ASN B 227 -12.67 23.95 -18.95
N GLU B 228 -12.15 25.09 -19.39
CA GLU B 228 -11.98 25.33 -20.81
C GLU B 228 -10.57 25.02 -21.31
N LEU B 229 -9.57 25.01 -20.43
CA LEU B 229 -8.22 24.64 -20.86
C LEU B 229 -8.12 23.17 -21.27
N LYS B 230 -8.81 22.27 -20.57
CA LYS B 230 -8.95 20.87 -21.01
C LYS B 230 -7.60 20.15 -21.09
N PHE B 231 -6.71 20.41 -20.12
CA PHE B 231 -5.38 19.83 -20.22
C PHE B 231 -5.37 18.32 -19.99
N SER B 232 -6.28 17.80 -19.16
CA SER B 232 -6.37 16.36 -18.93
C SER B 232 -6.80 15.60 -20.20
N SER B 233 -7.84 16.09 -20.87
CA SER B 233 -8.28 15.45 -22.12
C SER B 233 -7.21 15.60 -23.19
N LEU B 234 -6.54 16.75 -23.23
CA LEU B 234 -5.44 16.95 -24.16
C LEU B 234 -4.37 15.90 -23.95
N SER B 235 -4.00 15.66 -22.70
CA SER B 235 -3.03 14.61 -22.38
C SER B 235 -3.53 13.25 -22.83
N ARG B 236 -4.80 12.98 -22.56
CA ARG B 236 -5.33 11.68 -22.97
C ARG B 236 -5.09 11.47 -24.46
N GLU B 237 -5.48 12.47 -25.25
CA GLU B 237 -5.28 12.36 -26.71
C GLU B 237 -3.82 12.22 -27.09
N LEU B 238 -2.96 12.97 -26.43
CA LEU B 238 -1.56 12.92 -26.82
C LEU B 238 -1.05 11.51 -26.65
N LYS B 239 -1.41 10.89 -25.51
CA LYS B 239 -0.98 9.53 -25.29
C LYS B 239 -1.60 8.54 -26.28
N LEU B 240 -2.91 8.60 -26.59
CA LEU B 240 -3.27 7.65 -27.64
C LEU B 240 -2.67 7.97 -28.96
N PHE B 241 -2.55 9.25 -29.29
CA PHE B 241 -2.13 9.51 -30.64
C PHE B 241 -0.76 8.90 -30.87
N GLU B 242 0.12 9.11 -29.90
CA GLU B 242 1.42 8.46 -29.97
C GLU B 242 1.26 6.94 -30.01
N GLU B 243 0.32 6.40 -29.23
CA GLU B 243 0.03 4.96 -29.31
C GLU B 243 -0.30 4.54 -30.73
N LEU B 244 -1.21 5.29 -31.34
CA LEU B 244 -1.75 5.05 -32.67
C LEU B 244 -0.70 5.11 -33.76
N LEU B 245 0.22 6.08 -33.68
CA LEU B 245 1.23 6.23 -34.73
C LEU B 245 2.13 5.00 -34.84
N LYS B 246 2.46 4.40 -33.70
CA LYS B 246 3.45 3.34 -33.63
C LYS B 246 2.93 1.98 -34.13
N ILE B 247 1.64 1.71 -34.03
CA ILE B 247 1.05 0.47 -34.54
C ILE B 247 0.84 0.68 -36.04
N PRO B 248 0.64 -0.37 -36.88
CA PRO B 248 0.31 -0.13 -38.28
C PRO B 248 -0.82 0.89 -38.21
N SER B 249 -0.58 2.12 -38.66
CA SER B 249 -1.61 3.18 -38.48
C SER B 249 -2.45 3.42 -39.73
N PRO B 250 -3.78 3.23 -39.69
CA PRO B 250 -4.63 3.56 -40.84
C PRO B 250 -4.52 5.07 -41.10
N PRO B 251 -4.68 5.56 -42.34
CA PRO B 251 -4.48 6.97 -42.62
C PRO B 251 -5.50 7.81 -41.82
N GLU B 252 -6.76 7.36 -41.75
CA GLU B 252 -7.78 8.07 -40.94
C GLU B 252 -7.58 7.62 -39.49
N LYS B 253 -8.46 8.04 -38.59
CA LYS B 253 -8.30 7.73 -37.14
C LYS B 253 -7.10 8.53 -36.62
N ILE B 254 -5.92 8.36 -37.21
CA ILE B 254 -4.76 9.21 -36.80
C ILE B 254 -5.09 10.64 -37.21
N ALA B 255 -5.64 10.81 -38.41
CA ALA B 255 -6.08 12.15 -38.82
C ALA B 255 -7.14 12.63 -37.82
N ASN B 256 -8.06 11.75 -37.44
CA ASN B 256 -9.11 12.12 -36.47
C ASN B 256 -8.46 12.59 -35.17
N SER B 257 -7.55 11.79 -34.61
CA SER B 257 -6.84 12.20 -33.42
C SER B 257 -6.20 13.58 -33.60
N ILE B 258 -5.63 13.86 -34.77
CA ILE B 258 -5.03 15.17 -34.98
C ILE B 258 -6.06 16.28 -34.87
N TYR B 259 -7.22 16.10 -35.50
CA TYR B 259 -8.27 17.12 -35.43
C TYR B 259 -8.81 17.23 -34.01
N LYS B 260 -8.79 16.11 -33.30
CA LYS B 260 -9.12 16.00 -31.91
C LYS B 260 -8.29 16.94 -31.04
N ILE B 261 -6.98 16.73 -31.13
CA ILE B 261 -6.02 17.53 -30.37
C ILE B 261 -6.17 18.97 -30.78
N ASN B 262 -6.38 19.20 -32.09
CA ASN B 262 -6.56 20.55 -32.60
C ASN B 262 -7.78 21.23 -32.01
N ASP B 263 -8.88 20.49 -31.82
CA ASP B 263 -10.10 21.07 -31.27
C ASP B 263 -9.87 21.50 -29.84
N ILE B 264 -9.31 20.59 -29.05
CA ILE B 264 -9.02 20.88 -27.65
C ILE B 264 -8.08 22.07 -27.56
N LEU B 265 -7.02 22.06 -28.38
CA LEU B 265 -6.02 23.12 -28.35
C LEU B 265 -6.61 24.44 -28.77
N GLU B 266 -7.54 24.42 -29.73
CA GLU B 266 -8.13 25.63 -30.24
C GLU B 266 -8.79 26.39 -29.13
N SER B 267 -9.66 25.70 -28.42
CA SER B 267 -10.36 26.51 -27.45
C SER B 267 -9.64 26.57 -26.09
N SER B 268 -8.60 25.72 -25.87
CA SER B 268 -7.65 25.98 -24.78
C SER B 268 -6.86 27.26 -25.05
N ILE B 269 -6.41 27.44 -26.30
CA ILE B 269 -5.67 28.64 -26.70
C ILE B 269 -6.56 29.86 -26.58
N ARG B 270 -7.82 29.74 -27.01
CA ARG B 270 -8.74 30.86 -26.88
C ARG B 270 -8.94 31.24 -25.41
N GLU B 271 -9.11 30.24 -24.53
CA GLU B 271 -9.32 30.56 -23.13
C GLU B 271 -8.10 31.24 -22.54
N PHE B 272 -6.90 30.78 -22.90
CA PHE B 272 -5.72 31.42 -22.35
C PHE B 272 -5.57 32.85 -22.86
N LYS B 273 -5.88 33.10 -24.13
CA LYS B 273 -5.81 34.46 -24.64
C LYS B 273 -6.73 35.40 -23.87
N LEU B 274 -7.95 34.95 -23.57
CA LEU B 274 -8.83 35.78 -22.73
C LEU B 274 -8.28 35.88 -21.31
N CYS B 275 -7.91 34.74 -20.76
CA CYS B 275 -7.30 34.58 -19.44
C CYS B 275 -6.24 35.61 -19.09
N SER B 276 -5.15 35.60 -19.86
CA SER B 276 -3.85 36.07 -19.40
C SER B 276 -3.81 37.57 -19.17
N LYS B 277 -4.90 38.29 -19.35
CA LYS B 277 -4.88 39.69 -18.99
C LYS B 277 -4.81 39.87 -17.47
N ASN B 278 -4.07 40.91 -17.07
CA ASN B 278 -3.77 41.24 -15.69
C ASN B 278 -3.04 40.11 -14.96
N SER B 279 -2.21 39.38 -15.69
CA SER B 279 -1.39 38.30 -15.13
C SER B 279 0.03 38.74 -14.85
N GLU B 280 0.33 40.04 -14.94
CA GLU B 280 1.69 40.54 -14.84
C GLU B 280 2.33 40.21 -13.50
N ASN B 281 1.55 39.95 -12.47
CA ASN B 281 2.10 39.59 -11.17
C ASN B 281 1.98 38.11 -10.86
N LEU B 282 1.64 37.28 -11.84
CA LEU B 282 1.42 35.85 -11.58
C LEU B 282 2.33 34.91 -12.35
N PHE B 283 2.60 35.17 -13.63
CA PHE B 283 3.39 34.25 -14.45
C PHE B 283 3.68 34.91 -15.79
N PHE B 284 4.49 34.23 -16.60
CA PHE B 284 4.82 34.65 -17.96
C PHE B 284 3.77 34.19 -18.97
N ILE B 285 3.24 35.14 -19.76
CA ILE B 285 2.20 34.82 -20.73
C ILE B 285 2.76 34.20 -22.00
N LYS B 286 3.79 34.84 -22.59
CA LYS B 286 4.19 34.50 -23.95
C LYS B 286 4.59 33.04 -24.13
N PRO B 287 5.41 32.44 -23.25
CA PRO B 287 5.85 31.08 -23.54
C PRO B 287 4.72 30.08 -23.53
N ILE B 288 3.72 30.24 -22.67
CA ILE B 288 2.61 29.30 -22.67
C ILE B 288 1.79 29.44 -23.96
N GLN B 289 1.48 30.67 -24.34
CA GLN B 289 0.76 30.90 -25.59
C GLN B 289 1.52 30.32 -26.77
N LYS B 290 2.80 30.65 -26.89
CA LYS B 290 3.55 30.12 -28.02
C LYS B 290 3.67 28.59 -27.96
N PHE B 291 3.80 28.02 -26.76
CA PHE B 291 3.90 26.55 -26.67
C PHE B 291 2.64 25.91 -27.21
N LEU B 292 1.47 26.47 -26.88
CA LEU B 292 0.24 25.88 -27.38
C LEU B 292 0.11 26.09 -28.88
N VAL B 293 0.50 27.27 -29.37
CA VAL B 293 0.39 27.54 -30.79
C VAL B 293 1.31 26.61 -31.58
N ASP B 294 2.55 26.44 -31.13
CA ASP B 294 3.45 25.53 -31.81
C ASP B 294 2.97 24.09 -31.71
N PHE B 295 2.54 23.66 -30.52
CA PHE B 295 1.99 22.32 -30.37
C PHE B 295 0.92 22.08 -31.42
N GLN B 296 0.02 23.04 -31.56
CA GLN B 296 -1.04 22.93 -32.56
C GLN B 296 -0.45 22.80 -33.95
N LYS B 297 0.51 23.64 -34.28
CA LYS B 297 1.12 23.58 -35.62
C LYS B 297 1.74 22.19 -35.85
N ILE B 298 2.48 21.67 -34.88
CA ILE B 298 3.21 20.38 -35.08
C ILE B 298 2.20 19.26 -35.30
N VAL B 299 1.13 19.21 -34.51
CA VAL B 299 0.16 18.10 -34.62
C VAL B 299 -0.48 18.14 -36.01
N LEU B 300 -0.76 19.34 -36.52
CA LEU B 300 -1.45 19.48 -37.83
C LEU B 300 -0.46 19.16 -38.96
N GLU B 301 0.84 19.32 -38.72
CA GLU B 301 1.87 19.07 -39.76
C GLU B 301 2.08 17.56 -39.90
N LYS B 302 1.47 16.77 -39.03
CA LYS B 302 1.57 15.29 -39.09
C LYS B 302 0.34 14.75 -39.83
N LEU B 303 -0.53 15.64 -40.30
CA LEU B 303 -1.78 15.20 -40.98
C LEU B 303 -1.43 14.38 -42.21
N PRO B 304 -2.00 13.17 -42.35
CA PRO B 304 -1.74 12.32 -43.50
C PRO B 304 -2.08 12.96 -44.86
N LEU B 305 -1.48 12.44 -45.92
CA LEU B 305 -1.74 12.95 -47.26
C LEU B 305 -2.24 11.83 -48.17
N MET C 1 -19.65 -30.36 13.48
CA MET C 1 -18.29 -30.04 13.93
C MET C 1 -17.56 -29.11 12.94
N LYS C 2 -17.85 -29.20 11.65
CA LYS C 2 -17.37 -28.17 10.73
C LYS C 2 -18.53 -27.62 9.93
N LYS C 3 -18.54 -26.31 9.71
CA LYS C 3 -19.51 -25.68 8.83
C LYS C 3 -18.83 -25.45 7.48
N ILE C 4 -19.44 -26.00 6.43
CA ILE C 4 -18.82 -26.14 5.13
C ILE C 4 -19.67 -25.44 4.08
N LEU C 5 -19.01 -24.68 3.23
CA LEU C 5 -19.61 -24.11 2.03
C LEU C 5 -18.99 -24.83 0.84
N ILE C 6 -19.82 -25.33 -0.06
CA ILE C 6 -19.34 -25.93 -1.29
C ILE C 6 -19.68 -24.98 -2.43
N VAL C 7 -18.66 -24.51 -3.13
CA VAL C 7 -18.80 -23.56 -4.21
C VAL C 7 -18.55 -24.25 -5.52
N SER C 8 -19.44 -24.05 -6.47
CA SER C 8 -19.30 -24.69 -7.76
C SER C 8 -19.89 -23.79 -8.82
N PHE C 9 -19.37 -23.95 -10.05
CA PHE C 9 -19.97 -23.38 -11.23
C PHE C 9 -21.01 -24.35 -11.79
N LEU C 10 -21.83 -23.84 -12.71
CA LEU C 10 -22.97 -24.58 -13.25
C LEU C 10 -23.22 -24.13 -14.68
N GLY C 11 -23.02 -25.04 -15.64
CA GLY C 11 -23.25 -24.77 -17.04
C GLY C 11 -24.34 -25.67 -17.60
N LYS C 12 -24.66 -25.46 -18.88
CA LYS C 12 -25.54 -26.39 -19.58
C LYS C 12 -24.78 -27.69 -19.77
N GLY C 13 -25.44 -28.84 -19.58
CA GLY C 13 -24.73 -30.11 -19.71
C GLY C 13 -25.71 -31.24 -19.58
N ARG C 14 -25.28 -32.50 -19.80
CA ARG C 14 -26.45 -33.37 -19.83
C ARG C 14 -26.70 -33.82 -18.37
N TYR C 15 -25.63 -33.87 -17.55
CA TYR C 15 -25.64 -34.25 -16.12
C TYR C 15 -26.16 -35.67 -15.86
N TYR C 16 -25.48 -36.63 -16.47
CA TYR C 16 -25.79 -38.03 -16.25
C TYR C 16 -25.61 -38.43 -14.80
N GLU C 17 -26.48 -39.33 -14.33
CA GLU C 17 -26.27 -40.00 -13.06
C GLU C 17 -24.88 -40.63 -13.00
N THR C 18 -24.19 -40.44 -11.89
CA THR C 18 -22.78 -40.79 -11.80
C THR C 18 -22.49 -41.41 -10.44
N PHE C 19 -21.66 -42.46 -10.42
CA PHE C 19 -21.11 -43.03 -9.18
C PHE C 19 -19.83 -42.32 -8.79
N TYR C 20 -19.94 -41.28 -7.96
CA TYR C 20 -18.77 -40.58 -7.44
C TYR C 20 -18.22 -41.29 -6.21
N TYR C 21 -16.90 -41.19 -6.03
CA TYR C 21 -16.27 -41.70 -4.82
C TYR C 21 -15.00 -40.89 -4.55
N SER C 22 -14.70 -40.73 -3.27
CA SER C 22 -13.40 -40.19 -2.87
C SER C 22 -12.34 -41.23 -3.18
N ILE C 23 -11.26 -40.80 -3.84
CA ILE C 23 -10.19 -41.73 -4.20
C ILE C 23 -9.59 -42.37 -2.95
N GLU C 24 -9.73 -41.73 -1.80
CA GLU C 24 -9.18 -42.27 -0.56
C GLU C 24 -10.05 -43.38 -0.03
N HIS C 25 -11.38 -43.28 -0.21
CA HIS C 25 -12.35 -44.26 0.30
C HIS C 25 -13.19 -44.73 -0.90
N SER C 26 -12.67 -45.71 -1.63
CA SER C 26 -13.36 -46.17 -2.84
C SER C 26 -14.58 -47.03 -2.52
N GLU C 27 -14.69 -47.53 -1.28
CA GLU C 27 -15.86 -48.31 -0.87
C GLU C 27 -17.10 -47.43 -0.84
N LYS C 28 -16.95 -46.19 -0.39
CA LYS C 28 -18.03 -45.23 -0.18
C LYS C 28 -18.38 -44.59 -1.51
N MET C 29 -19.46 -45.02 -2.14
CA MET C 29 -19.90 -44.45 -3.42
C MET C 29 -21.25 -43.78 -3.29
N VAL C 30 -21.37 -42.63 -3.96
CA VAL C 30 -22.59 -41.82 -3.94
C VAL C 30 -23.06 -41.65 -5.37
N LYS C 31 -24.29 -42.06 -5.63
CA LYS C 31 -24.92 -41.96 -6.96
C LYS C 31 -25.66 -40.63 -7.04
N LYS C 32 -25.08 -39.68 -7.77
CA LYS C 32 -25.70 -38.37 -7.92
C LYS C 32 -25.34 -37.82 -9.30
N ARG C 33 -26.07 -36.79 -9.71
CA ARG C 33 -25.79 -36.08 -10.94
C ARG C 33 -24.73 -34.99 -10.76
N LEU C 34 -24.71 -34.30 -9.63
CA LEU C 34 -23.78 -33.19 -9.37
C LEU C 34 -22.69 -33.61 -8.39
N SER C 35 -21.42 -33.45 -8.81
CA SER C 35 -20.31 -33.64 -7.87
C SER C 35 -20.48 -32.85 -6.57
N PRO C 36 -20.86 -31.55 -6.59
CA PRO C 36 -21.07 -30.84 -5.30
C PRO C 36 -22.07 -31.55 -4.39
N LEU C 37 -23.10 -32.14 -4.97
CA LEU C 37 -24.10 -32.85 -4.19
C LEU C 37 -23.52 -34.09 -3.52
N ALA C 38 -22.73 -34.88 -4.26
CA ALA C 38 -22.09 -36.05 -3.67
C ALA C 38 -21.11 -35.64 -2.58
N ASN C 39 -20.33 -34.59 -2.83
CA ASN C 39 -19.40 -34.12 -1.81
C ASN C 39 -20.17 -33.66 -0.56
N ALA C 40 -21.27 -32.95 -0.76
CA ALA C 40 -22.08 -32.48 0.36
C ALA C 40 -22.61 -33.65 1.18
N ILE C 41 -23.09 -34.71 0.50
CA ILE C 41 -23.57 -35.88 1.23
C ILE C 41 -22.43 -36.52 2.02
N LEU C 42 -21.24 -36.62 1.40
CA LEU C 42 -20.12 -37.24 2.10
C LEU C 42 -19.76 -36.44 3.35
N GLU C 43 -19.75 -35.10 3.24
CA GLU C 43 -19.46 -34.26 4.40
C GLU C 43 -20.56 -34.36 5.45
N LYS C 44 -21.81 -34.49 5.01
CA LYS C 44 -22.90 -34.55 5.96
C LYS C 44 -22.86 -35.85 6.75
N GLU C 45 -22.56 -36.96 6.06
CA GLU C 45 -22.40 -38.23 6.77
C GLU C 45 -21.23 -38.20 7.75
N ASN C 46 -20.18 -37.44 7.44
CA ASN C 46 -19.10 -37.20 8.39
C ASN C 46 -19.50 -36.25 9.53
N GLY C 47 -20.73 -35.75 9.55
CA GLY C 47 -21.21 -34.92 10.64
C GLY C 47 -21.01 -33.43 10.50
N ASN C 48 -20.82 -32.93 9.29
CA ASN C 48 -20.64 -31.49 9.14
C ASN C 48 -21.93 -30.83 8.65
N ASP C 49 -22.02 -29.53 8.91
CA ASP C 49 -23.09 -28.69 8.36
C ASP C 49 -22.66 -28.20 6.99
N VAL C 50 -23.50 -28.41 5.97
CA VAL C 50 -23.09 -28.19 4.59
C VAL C 50 -24.07 -27.26 3.88
N GLU C 51 -23.52 -26.29 3.14
CA GLU C 51 -24.27 -25.41 2.25
C GLU C 51 -23.62 -25.42 0.87
N ILE C 52 -24.44 -25.31 -0.18
CA ILE C 52 -23.96 -25.34 -1.56
C ILE C 52 -24.35 -24.04 -2.25
N ILE C 53 -23.38 -23.42 -2.93
CA ILE C 53 -23.62 -22.23 -3.73
C ILE C 53 -23.12 -22.43 -5.17
N PHE C 54 -23.98 -22.13 -6.12
CA PHE C 54 -23.69 -22.29 -7.54
C PHE C 54 -23.54 -20.91 -8.15
N PHE C 55 -22.44 -20.71 -8.86
CA PHE C 55 -22.27 -19.55 -9.70
C PHE C 55 -22.83 -19.92 -11.06
N VAL C 56 -23.71 -19.08 -11.59
CA VAL C 56 -24.38 -19.32 -12.86
C VAL C 56 -24.47 -18.01 -13.63
N THR C 57 -24.35 -18.09 -14.95
CA THR C 57 -24.56 -16.90 -15.74
C THR C 57 -26.04 -16.71 -15.95
N ASN C 58 -26.42 -15.47 -16.23
CA ASN C 58 -27.82 -15.19 -16.53
C ASN C 58 -28.33 -16.04 -17.69
N GLU C 59 -27.46 -16.35 -18.65
CA GLU C 59 -27.90 -17.07 -19.84
C GLU C 59 -28.14 -18.53 -19.54
N VAL C 60 -27.22 -19.17 -18.82
CA VAL C 60 -27.44 -20.54 -18.38
C VAL C 60 -28.67 -20.63 -17.47
N LYS C 61 -28.87 -19.60 -16.65
CA LYS C 61 -30.03 -19.58 -15.77
C LYS C 61 -31.33 -19.55 -16.57
N ASN C 62 -31.43 -18.65 -17.54
CA ASN C 62 -32.69 -18.51 -18.27
C ASN C 62 -32.88 -19.60 -19.33
N GLU C 63 -31.84 -19.91 -20.11
CA GLU C 63 -32.01 -20.84 -21.24
C GLU C 63 -32.01 -22.31 -20.83
N PHE C 64 -31.34 -22.67 -19.73
CA PHE C 64 -31.22 -24.07 -19.33
C PHE C 64 -31.86 -24.36 -17.97
N LEU C 65 -31.40 -23.70 -16.90
CA LEU C 65 -31.82 -24.12 -15.55
C LEU C 65 -33.32 -23.96 -15.33
N TYR C 66 -33.88 -22.83 -15.73
CA TYR C 66 -35.27 -22.52 -15.47
C TYR C 66 -36.15 -22.77 -16.68
N ASP C 67 -35.71 -23.67 -17.57
CA ASP C 67 -36.51 -24.09 -18.72
C ASP C 67 -37.30 -25.32 -18.31
N GLU C 68 -38.63 -25.17 -18.27
CA GLU C 68 -39.48 -26.29 -17.90
C GLU C 68 -39.41 -27.41 -18.94
N ASN C 69 -39.01 -27.07 -20.17
CA ASN C 69 -39.01 -28.00 -21.29
C ASN C 69 -37.65 -28.63 -21.51
N ASN C 70 -36.78 -28.57 -20.51
CA ASN C 70 -35.46 -29.20 -20.52
C ASN C 70 -35.41 -30.21 -19.41
N GLU C 71 -35.47 -31.50 -19.75
CA GLU C 71 -35.54 -32.55 -18.73
C GLU C 71 -34.25 -32.68 -17.93
N TYR C 72 -33.09 -32.49 -18.56
CA TYR C 72 -31.81 -32.60 -17.85
C TYR C 72 -31.71 -31.54 -16.76
N ALA C 73 -32.15 -30.33 -17.08
CA ALA C 73 -32.16 -29.28 -16.08
C ALA C 73 -33.10 -29.62 -14.95
N LYS C 74 -34.27 -30.19 -15.28
CA LYS C 74 -35.24 -30.58 -14.26
C LYS C 74 -34.70 -31.70 -13.38
N ASN C 75 -33.94 -32.64 -13.95
CA ASN C 75 -33.28 -33.63 -13.12
C ASN C 75 -32.38 -32.95 -12.10
N ILE C 76 -31.61 -31.97 -12.57
CA ILE C 76 -30.67 -31.32 -11.67
C ILE C 76 -31.41 -30.56 -10.56
N LEU C 77 -32.43 -29.81 -10.93
CA LEU C 77 -33.22 -29.06 -9.97
C LEU C 77 -33.90 -29.98 -8.94
N ASN C 78 -34.35 -31.16 -9.39
CA ASN C 78 -34.99 -32.11 -8.47
C ASN C 78 -33.99 -32.67 -7.45
N GLU C 79 -32.80 -33.02 -7.93
CA GLU C 79 -31.77 -33.52 -7.03
C GLU C 79 -31.42 -32.46 -5.99
N LEU C 80 -31.28 -31.23 -6.46
CA LEU C 80 -31.02 -30.12 -5.56
C LEU C 80 -32.21 -29.89 -4.63
N ASN C 81 -33.44 -30.06 -5.12
CA ASN C 81 -34.56 -29.75 -4.26
C ASN C 81 -34.68 -30.73 -3.11
N GLU C 82 -34.44 -32.03 -3.26
CA GLU C 82 -34.50 -32.57 -1.91
C GLU C 82 -33.16 -32.75 -1.24
N ILE C 83 -32.07 -32.25 -1.79
CA ILE C 83 -30.98 -32.23 -0.82
C ILE C 83 -31.40 -31.38 0.38
N LYS C 84 -32.31 -30.42 0.18
CA LYS C 84 -32.77 -29.55 1.27
C LYS C 84 -33.38 -30.34 2.41
N ASN C 85 -33.92 -31.54 2.13
CA ASN C 85 -34.54 -32.32 3.18
C ASN C 85 -33.54 -32.80 4.22
N TYR C 86 -32.23 -32.75 3.93
CA TYR C 86 -31.17 -33.09 4.87
C TYR C 86 -30.48 -31.87 5.48
N GLY C 87 -31.13 -30.71 5.47
CA GLY C 87 -30.55 -29.52 6.04
C GLY C 87 -29.43 -28.90 5.23
N ILE C 88 -29.43 -29.12 3.91
CA ILE C 88 -28.38 -28.58 3.05
C ILE C 88 -29.03 -27.51 2.16
N LYS C 89 -28.68 -26.26 2.46
CA LYS C 89 -29.15 -25.09 1.71
C LYS C 89 -28.48 -25.00 0.35
N VAL C 90 -29.24 -24.59 -0.67
CA VAL C 90 -28.72 -24.40 -2.01
C VAL C 90 -29.11 -23.01 -2.51
N SER C 91 -28.15 -22.27 -3.07
CA SER C 91 -28.47 -20.96 -3.62
C SER C 91 -27.57 -20.66 -4.81
N TYR C 92 -27.87 -19.54 -5.47
CA TYR C 92 -27.24 -19.20 -6.72
C TYR C 92 -26.68 -17.79 -6.64
N ARG C 93 -25.57 -17.57 -7.35
CA ARG C 93 -25.01 -16.24 -7.52
C ARG C 93 -24.76 -16.01 -9.00
N ASP C 94 -25.19 -14.84 -9.48
CA ASP C 94 -24.97 -14.45 -10.86
C ASP C 94 -23.54 -13.98 -11.05
N ILE C 95 -22.94 -14.41 -12.15
CA ILE C 95 -21.64 -13.93 -12.60
C ILE C 95 -21.69 -13.75 -14.10
N PRO C 96 -20.83 -12.88 -14.65
CA PRO C 96 -20.71 -12.78 -16.12
C PRO C 96 -19.95 -13.98 -16.63
N LYS C 97 -19.95 -14.16 -17.96
CA LYS C 97 -19.29 -15.32 -18.55
C LYS C 97 -17.77 -15.26 -18.49
N GLY C 98 -17.20 -14.10 -18.21
CA GLY C 98 -15.76 -13.95 -18.17
C GLY C 98 -15.07 -13.80 -19.52
N LYS C 99 -15.60 -12.94 -20.38
CA LYS C 99 -15.03 -12.77 -21.72
C LYS C 99 -13.82 -11.83 -21.77
N ASN C 100 -13.49 -11.15 -20.68
CA ASN C 100 -12.33 -10.25 -20.70
C ASN C 100 -11.83 -10.12 -19.28
N TYR C 101 -10.81 -9.29 -19.10
CA TYR C 101 -10.21 -9.17 -17.78
C TYR C 101 -11.15 -8.50 -16.79
N GLU C 102 -11.99 -7.57 -17.25
CA GLU C 102 -12.93 -6.91 -16.34
C GLU C 102 -13.99 -7.88 -15.80
N GLU C 103 -14.53 -8.75 -16.66
CA GLU C 103 -15.48 -9.75 -16.18
C GLU C 103 -14.81 -10.77 -15.26
N LEU C 104 -13.59 -11.20 -15.59
CA LEU C 104 -12.89 -12.09 -14.69
C LEU C 104 -12.64 -11.42 -13.35
N GLU C 105 -12.37 -10.11 -13.37
CA GLU C 105 -12.19 -9.40 -12.10
C GLU C 105 -13.48 -9.40 -11.29
N ILE C 106 -14.62 -9.15 -11.94
CA ILE C 106 -15.90 -9.22 -11.25
C ILE C 106 -16.10 -10.60 -10.64
N ILE C 107 -15.74 -11.64 -11.38
CA ILE C 107 -15.88 -13.00 -10.85
C ILE C 107 -15.03 -13.19 -9.61
N MET C 108 -13.77 -12.73 -9.63
CA MET C 108 -12.96 -12.76 -8.40
C MET C 108 -13.62 -11.95 -7.28
N GLU C 109 -14.20 -10.79 -7.58
CA GLU C 109 -14.82 -10.00 -6.53
C GLU C 109 -15.96 -10.79 -5.87
N GLU C 110 -16.75 -11.48 -6.71
CA GLU C 110 -17.87 -12.29 -6.22
C GLU C 110 -17.40 -13.45 -5.37
N ILE C 111 -16.34 -14.13 -5.80
CA ILE C 111 -15.79 -15.22 -5.02
C ILE C 111 -15.30 -14.68 -3.68
N GLU C 112 -14.60 -13.54 -3.70
CA GLU C 112 -14.10 -12.95 -2.48
C GLU C 112 -15.25 -12.58 -1.54
N LYS C 113 -16.34 -12.06 -2.09
CA LYS C 113 -17.49 -11.69 -1.27
C LYS C 113 -18.07 -12.91 -0.58
N LEU C 114 -18.27 -13.99 -1.34
CA LEU C 114 -18.73 -15.24 -0.78
C LEU C 114 -17.86 -15.69 0.39
N LEU C 115 -16.55 -15.69 0.18
CA LEU C 115 -15.66 -16.19 1.21
C LEU C 115 -15.65 -15.30 2.45
N LEU C 116 -15.76 -13.98 2.27
CA LEU C 116 -15.75 -13.12 3.44
C LEU C 116 -17.08 -13.18 4.20
N ASP C 117 -18.19 -13.27 3.48
CA ASP C 117 -19.50 -13.35 4.12
C ASP C 117 -19.75 -14.70 4.76
N PHE C 118 -18.96 -15.71 4.41
CA PHE C 118 -19.23 -17.05 4.89
C PHE C 118 -18.85 -17.13 6.35
N LYS C 119 -19.77 -17.68 7.14
CA LYS C 119 -19.62 -17.77 8.58
C LYS C 119 -19.39 -19.22 9.02
N GLY C 120 -18.68 -20.01 8.20
CA GLY C 120 -18.29 -21.35 8.55
C GLY C 120 -16.79 -21.53 8.76
N ASN C 121 -16.34 -22.78 8.64
CA ASN C 121 -14.95 -23.14 8.81
C ASN C 121 -14.25 -23.52 7.52
N LYS C 122 -14.99 -24.00 6.53
CA LYS C 122 -14.32 -24.66 5.43
C LYS C 122 -15.10 -24.38 4.16
N VAL C 123 -14.39 -24.04 3.08
CA VAL C 123 -14.97 -23.91 1.76
C VAL C 123 -14.28 -24.88 0.80
N ILE C 124 -15.09 -25.68 0.12
CA ILE C 124 -14.65 -26.63 -0.89
C ILE C 124 -15.04 -26.06 -2.25
N PHE C 125 -14.05 -25.80 -3.08
CA PHE C 125 -14.27 -25.46 -4.48
C PHE C 125 -14.38 -26.76 -5.26
N ASP C 126 -15.57 -27.06 -5.78
CA ASP C 126 -15.79 -28.22 -6.62
C ASP C 126 -15.74 -27.74 -8.07
N LEU C 127 -14.67 -28.07 -8.80
CA LEU C 127 -14.48 -27.57 -10.16
C LEU C 127 -14.96 -28.55 -11.22
N THR C 128 -15.83 -29.50 -10.86
CA THR C 128 -16.27 -30.51 -11.82
C THR C 128 -17.12 -29.90 -12.94
N HIS C 129 -18.08 -29.05 -12.60
CA HIS C 129 -19.09 -28.59 -13.54
C HIS C 129 -18.84 -27.14 -13.94
N GLY C 130 -19.58 -26.69 -14.94
CA GLY C 130 -19.34 -25.36 -15.46
C GLY C 130 -18.22 -25.37 -16.48
N LEU C 131 -17.94 -24.20 -17.03
CA LEU C 131 -16.98 -24.10 -18.12
C LEU C 131 -15.57 -24.48 -17.68
N ARG C 132 -14.85 -25.14 -18.58
CA ARG C 132 -13.41 -25.33 -18.42
C ARG C 132 -12.72 -24.01 -18.12
N HIS C 133 -13.12 -22.95 -18.80
CA HIS C 133 -12.57 -21.62 -18.59
C HIS C 133 -12.68 -21.22 -17.11
N MET C 134 -13.87 -21.41 -16.53
CA MET C 134 -13.97 -21.11 -15.11
C MET C 134 -13.11 -22.03 -14.27
N ALA C 135 -13.05 -23.33 -14.60
CA ALA C 135 -12.30 -24.24 -13.71
C ALA C 135 -10.82 -23.85 -13.69
N ILE C 136 -10.25 -23.59 -14.87
CA ILE C 136 -8.85 -23.18 -14.96
C ILE C 136 -8.63 -21.89 -14.20
N PHE C 137 -9.45 -20.87 -14.48
CA PHE C 137 -9.25 -19.57 -13.87
C PHE C 137 -9.40 -19.61 -12.34
N THR C 138 -10.45 -20.26 -11.84
CA THR C 138 -10.62 -20.37 -10.40
C THR C 138 -9.45 -21.11 -9.77
N SER C 139 -9.02 -22.18 -10.43
CA SER C 139 -7.86 -22.92 -9.94
C SER C 139 -6.66 -22.01 -9.84
N SER C 140 -6.52 -21.08 -10.78
CA SER C 140 -5.37 -20.20 -10.76
C SER C 140 -5.47 -19.09 -9.72
N THR C 141 -6.67 -18.79 -9.20
CA THR C 141 -6.82 -17.72 -8.19
C THR C 141 -6.96 -18.27 -6.76
N VAL C 142 -7.13 -19.57 -6.63
CA VAL C 142 -7.46 -20.13 -5.33
C VAL C 142 -6.37 -19.86 -4.30
N PHE C 143 -5.09 -19.91 -4.70
CA PHE C 143 -4.03 -19.65 -3.72
C PHE C 143 -4.07 -18.20 -3.21
N TYR C 144 -4.38 -17.23 -4.08
CA TYR C 144 -4.58 -15.85 -3.64
C TYR C 144 -5.66 -15.76 -2.58
N PHE C 145 -6.81 -16.39 -2.84
CA PHE C 145 -7.91 -16.35 -1.87
C PHE C 145 -7.55 -17.07 -0.57
N LYS C 146 -6.90 -18.23 -0.67
CA LYS C 146 -6.53 -18.98 0.52
C LYS C 146 -5.57 -18.18 1.36
N ASN C 147 -4.70 -17.45 0.70
CA ASN C 147 -3.76 -16.57 1.37
C ASN C 147 -4.52 -15.46 2.10
N LEU C 148 -5.54 -14.91 1.46
CA LEU C 148 -6.34 -13.87 2.12
C LEU C 148 -7.12 -14.43 3.32
N MET C 149 -7.71 -15.61 3.18
CA MET C 149 -8.65 -16.08 4.18
C MET C 149 -7.96 -16.77 5.33
N GLU C 150 -6.70 -17.16 5.14
CA GLU C 150 -5.95 -17.69 6.26
C GLU C 150 -5.68 -16.59 7.28
N LYS C 151 -5.39 -15.38 6.80
CA LYS C 151 -5.10 -14.26 7.68
C LYS C 151 -6.38 -13.64 8.22
N ALA C 152 -7.32 -13.36 7.32
CA ALA C 152 -8.56 -12.69 7.71
C ALA C 152 -9.44 -13.60 8.57
N ASN C 153 -9.60 -14.84 8.16
CA ASN C 153 -10.49 -15.78 8.80
C ASN C 153 -9.82 -16.95 9.49
N LYS C 154 -8.69 -17.42 9.00
CA LYS C 154 -8.23 -18.78 9.25
C LYS C 154 -9.33 -19.75 8.77
N LEU C 155 -9.50 -19.71 7.46
CA LEU C 155 -10.55 -20.44 6.78
C LEU C 155 -9.89 -21.59 6.03
N GLU C 156 -10.39 -22.79 6.26
CA GLU C 156 -9.86 -23.97 5.59
C GLU C 156 -10.44 -24.06 4.18
N MET C 157 -9.55 -24.22 3.20
CA MET C 157 -9.94 -24.26 1.80
C MET C 157 -9.52 -25.57 1.14
N LYS C 158 -10.44 -26.14 0.35
CA LYS C 158 -10.24 -27.40 -0.33
C LYS C 158 -10.51 -27.18 -1.82
N ILE C 159 -9.75 -27.85 -2.69
CA ILE C 159 -10.00 -27.82 -4.14
C ILE C 159 -10.16 -29.25 -4.62
N VAL C 160 -11.35 -29.56 -5.15
CA VAL C 160 -11.66 -30.93 -5.54
C VAL C 160 -12.44 -30.93 -6.84
N TYR C 161 -12.41 -32.08 -7.51
CA TYR C 161 -13.34 -32.24 -8.63
C TYR C 161 -13.44 -33.71 -9.01
N GLY C 162 -14.58 -34.06 -9.61
CA GLY C 162 -14.77 -35.37 -10.20
C GLY C 162 -14.11 -35.44 -11.57
N ALA C 163 -13.20 -36.40 -11.72
CA ALA C 163 -12.50 -36.54 -13.00
C ALA C 163 -13.28 -37.50 -13.89
N TYR C 164 -14.44 -37.03 -14.35
CA TYR C 164 -15.29 -37.92 -15.14
C TYR C 164 -14.60 -38.37 -16.42
N GLU C 165 -13.65 -37.54 -16.92
CA GLU C 165 -12.92 -37.83 -18.13
C GLU C 165 -12.09 -39.10 -18.01
N ILE C 166 -11.72 -39.51 -16.81
CA ILE C 166 -10.97 -40.74 -16.65
C ILE C 166 -11.76 -41.79 -15.90
N GLY C 167 -13.04 -41.63 -15.74
CA GLY C 167 -13.76 -42.67 -15.07
C GLY C 167 -14.07 -43.89 -15.97
N GLU C 168 -14.19 -45.02 -15.27
CA GLU C 168 -14.94 -46.24 -15.68
C GLU C 168 -16.42 -46.12 -15.92
N GLU C 169 -16.74 -46.62 -17.11
CA GLU C 169 -18.05 -46.66 -17.77
C GLU C 169 -18.63 -48.01 -17.52
N ILE C 170 -19.48 -48.09 -16.55
CA ILE C 170 -20.07 -49.36 -16.23
C ILE C 170 -21.18 -49.71 -17.21
N GLU C 171 -22.02 -48.73 -17.55
CA GLU C 171 -23.02 -48.88 -18.60
C GLU C 171 -22.94 -47.58 -19.38
N LYS C 172 -23.69 -47.49 -20.45
CA LYS C 172 -23.61 -46.29 -21.27
C LYS C 172 -24.03 -45.08 -20.46
N ASN C 173 -23.17 -44.06 -20.46
CA ASN C 173 -23.37 -42.81 -19.74
C ASN C 173 -23.53 -43.01 -18.23
N LEU C 174 -23.16 -44.17 -17.70
CA LEU C 174 -23.05 -44.38 -16.26
C LEU C 174 -21.59 -44.64 -15.91
N LYS C 175 -21.01 -43.78 -15.09
CA LYS C 175 -19.59 -43.80 -14.78
C LYS C 175 -19.33 -43.83 -13.27
N LYS C 176 -18.36 -44.65 -12.88
CA LYS C 176 -17.62 -44.52 -11.64
C LYS C 176 -16.53 -43.46 -11.85
N VAL C 177 -16.62 -42.39 -11.07
CA VAL C 177 -15.81 -41.18 -11.24
C VAL C 177 -15.12 -40.81 -9.93
N PRO C 178 -13.81 -40.77 -9.87
CA PRO C 178 -13.12 -40.34 -8.64
C PRO C 178 -13.17 -38.84 -8.42
N ILE C 179 -13.42 -38.46 -7.18
CA ILE C 179 -13.29 -37.09 -6.73
C ILE C 179 -11.84 -36.94 -6.29
N LEU C 180 -11.09 -36.13 -7.00
CA LEU C 180 -9.71 -35.88 -6.64
C LEU C 180 -9.63 -34.63 -5.80
N ASP C 181 -8.80 -34.69 -4.76
CA ASP C 181 -8.56 -33.55 -3.88
C ASP C 181 -7.16 -33.05 -4.22
N ILE C 182 -7.07 -31.86 -4.81
CA ILE C 182 -5.78 -31.33 -5.22
C ILE C 182 -5.37 -30.10 -4.41
N THR C 183 -5.91 -29.95 -3.19
CA THR C 183 -5.56 -28.83 -2.32
C THR C 183 -4.07 -28.78 -2.03
N GLN C 184 -3.47 -29.96 -1.83
CA GLN C 184 -2.06 -30.05 -1.55
C GLN C 184 -1.20 -29.36 -2.63
N THR C 185 -1.61 -29.45 -3.92
CA THR C 185 -0.78 -28.86 -4.96
C THR C 185 -0.76 -27.35 -4.86
N LEU C 186 -1.86 -26.75 -4.42
CA LEU C 186 -1.82 -25.31 -4.15
C LEU C 186 -0.90 -25.01 -2.98
N GLU C 187 -0.96 -25.80 -1.91
CA GLU C 187 -0.18 -25.39 -0.75
C GLU C 187 1.30 -25.78 -0.82
N LEU C 188 1.74 -26.47 -1.88
CA LEU C 188 3.18 -26.67 -2.06
C LEU C 188 3.95 -25.33 -2.07
N SER C 189 3.35 -24.30 -2.69
CA SER C 189 3.97 -22.98 -2.63
C SER C 189 4.21 -22.53 -1.20
N ASP C 190 3.36 -22.96 -0.25
CA ASP C 190 3.61 -22.61 1.16
C ASP C 190 4.94 -23.17 1.62
N LEU C 191 5.27 -24.40 1.22
CA LEU C 191 6.58 -24.94 1.55
C LEU C 191 7.67 -24.02 0.98
N THR C 192 7.53 -23.66 -0.30
CA THR C 192 8.56 -22.84 -0.94
C THR C 192 8.73 -21.47 -0.25
N ILE C 193 7.61 -20.81 0.05
CA ILE C 193 7.69 -19.51 0.71
C ILE C 193 8.31 -19.64 2.10
N ALA C 194 7.91 -20.67 2.85
CA ALA C 194 8.47 -20.83 4.18
C ALA C 194 9.96 -21.04 4.13
N LEU C 195 10.42 -21.90 3.20
CA LEU C 195 11.84 -22.16 3.05
C LEU C 195 12.60 -20.92 2.62
N GLU C 196 12.04 -20.16 1.66
CA GLU C 196 12.67 -18.92 1.22
C GLU C 196 12.82 -17.95 2.37
N GLU C 197 11.78 -17.83 3.20
CA GLU C 197 11.83 -16.85 4.28
C GLU C 197 12.85 -17.25 5.32
N PHE C 198 12.86 -18.53 5.66
CA PHE C 198 13.82 -18.98 6.66
C PHE C 198 15.24 -18.83 6.15
N GLU C 199 15.50 -19.25 4.91
CA GLU C 199 16.85 -19.17 4.37
C GLU C 199 17.31 -17.72 4.28
N ARG C 200 16.47 -16.85 3.70
CA ARG C 200 16.92 -15.50 3.44
C ARG C 200 17.00 -14.67 4.71
N TYR C 201 16.11 -14.90 5.68
CA TYR C 201 16.04 -14.04 6.85
C TYR C 201 16.13 -14.74 8.21
N GLY C 202 16.17 -16.07 8.25
CA GLY C 202 16.10 -16.73 9.53
C GLY C 202 14.75 -16.64 10.20
N ILE C 203 13.70 -16.29 9.46
CA ILE C 203 12.33 -16.16 9.94
C ILE C 203 11.63 -17.51 9.93
N THR C 204 10.96 -17.86 11.04
CA THR C 204 10.46 -19.23 11.23
C THR C 204 8.95 -19.43 11.36
N GLU C 205 8.13 -18.37 11.41
CA GLU C 205 6.71 -18.55 11.68
C GLU C 205 6.03 -19.39 10.60
N ARG C 206 6.31 -19.09 9.33
CA ARG C 206 5.72 -19.88 8.26
C ARG C 206 6.22 -21.32 8.31
N MET C 207 7.49 -21.56 8.65
CA MET C 207 7.94 -22.95 8.78
C MET C 207 7.09 -23.72 9.79
N ILE C 208 6.78 -23.08 10.93
CA ILE C 208 5.99 -23.77 11.94
C ILE C 208 4.60 -24.09 11.40
N ILE C 209 3.97 -23.12 10.72
CA ILE C 209 2.65 -23.38 10.14
C ILE C 209 2.71 -24.51 9.12
N VAL C 210 3.76 -24.52 8.30
CA VAL C 210 3.94 -25.54 7.29
C VAL C 210 4.09 -26.91 7.95
N LEU C 211 4.89 -27.01 9.00
CA LEU C 211 5.07 -28.30 9.67
C LEU C 211 3.75 -28.83 10.21
N LYS C 212 2.93 -27.95 10.79
CA LYS C 212 1.62 -28.39 11.26
C LYS C 212 0.77 -28.92 10.12
N ASN C 213 0.75 -28.22 8.99
CA ASN C 213 -0.03 -28.72 7.87
C ASN C 213 0.53 -30.04 7.33
N ILE C 214 1.86 -30.18 7.28
CA ILE C 214 2.43 -31.44 6.80
C ILE C 214 2.04 -32.59 7.72
N GLN C 215 2.13 -32.36 9.02
CA GLN C 215 1.65 -33.38 9.94
C GLN C 215 0.21 -33.75 9.60
N LYS C 216 -0.64 -32.75 9.33
CA LYS C 216 -2.03 -33.11 9.12
C LYS C 216 -2.17 -33.96 7.87
N ILE C 217 -1.48 -33.56 6.79
CA ILE C 217 -1.57 -34.29 5.53
C ILE C 217 -1.16 -35.73 5.75
N VAL C 218 -0.06 -35.92 6.46
CA VAL C 218 0.46 -37.26 6.70
C VAL C 218 -0.47 -38.07 7.61
N ALA C 219 -1.27 -37.41 8.44
CA ALA C 219 -2.18 -38.17 9.30
C ALA C 219 -3.19 -38.99 8.50
N LYS C 220 -3.44 -38.63 7.24
CA LYS C 220 -4.27 -39.48 6.38
C LYS C 220 -3.75 -40.91 6.32
N ASN C 221 -2.43 -41.09 6.31
CA ASN C 221 -1.85 -42.42 6.29
C ASN C 221 -1.77 -42.92 7.73
N LYS C 222 -2.67 -43.80 8.10
CA LYS C 222 -2.68 -44.16 9.52
C LYS C 222 -1.53 -45.10 9.93
N LEU C 223 -0.78 -45.64 9.00
CA LEU C 223 0.40 -46.38 9.40
C LEU C 223 1.58 -45.48 9.68
N CYS C 224 1.48 -44.16 9.43
CA CYS C 224 2.54 -43.24 9.82
C CYS C 224 2.40 -42.88 11.30
N ASN C 225 3.50 -42.98 12.06
CA ASN C 225 3.51 -42.64 13.48
C ASN C 225 3.89 -41.18 13.64
N LEU C 226 2.89 -40.32 13.90
CA LEU C 226 3.11 -38.88 13.92
C LEU C 226 4.08 -38.41 14.99
N ASN C 227 4.26 -39.18 16.05
CA ASN C 227 5.19 -38.84 17.13
C ASN C 227 6.64 -38.91 16.70
N GLU C 228 6.82 -39.55 15.59
CA GLU C 228 8.10 -40.01 15.12
C GLU C 228 8.69 -38.93 14.19
N LEU C 229 7.79 -38.08 13.65
CA LEU C 229 8.11 -36.85 12.94
C LEU C 229 8.67 -35.82 13.88
N LYS C 230 8.25 -35.84 15.16
CA LYS C 230 8.81 -34.99 16.22
C LYS C 230 8.63 -33.50 15.91
N PHE C 231 7.49 -33.15 15.33
CA PHE C 231 7.30 -31.80 14.82
C PHE C 231 7.12 -30.73 15.90
N SER C 232 6.51 -31.06 17.05
CA SER C 232 6.42 -30.06 18.12
C SER C 232 7.81 -29.69 18.64
N SER C 233 8.66 -30.71 18.85
CA SER C 233 10.03 -30.46 19.32
C SER C 233 10.81 -29.67 18.26
N LEU C 234 10.58 -29.99 17.00
CA LEU C 234 11.18 -29.23 15.92
C LEU C 234 10.78 -27.75 16.01
N SER C 235 9.49 -27.50 16.24
CA SER C 235 8.98 -26.13 16.32
C SER C 235 9.58 -25.33 17.48
N ARG C 236 9.61 -25.89 18.69
CA ARG C 236 10.33 -25.18 19.75
C ARG C 236 11.78 -24.91 19.41
N GLU C 237 12.49 -25.92 18.90
CA GLU C 237 13.87 -25.65 18.53
C GLU C 237 13.94 -24.48 17.57
N LEU C 238 13.01 -24.43 16.60
CA LEU C 238 13.00 -23.33 15.64
C LEU C 238 12.76 -21.99 16.33
N LYS C 239 11.84 -21.96 17.30
CA LYS C 239 11.60 -20.69 17.97
C LYS C 239 12.82 -20.26 18.77
N LEU C 240 13.47 -21.21 19.45
CA LEU C 240 14.70 -20.87 20.15
C LEU C 240 15.73 -20.33 19.17
N PHE C 241 15.84 -20.96 18.00
CA PHE C 241 16.86 -20.57 17.04
C PHE C 241 16.62 -19.17 16.48
N GLU C 242 15.39 -18.85 16.05
CA GLU C 242 15.12 -17.50 15.58
C GLU C 242 15.40 -16.50 16.69
N GLU C 243 15.05 -16.86 17.93
CA GLU C 243 15.37 -16.02 19.07
C GLU C 243 16.87 -15.80 19.18
N LEU C 244 17.65 -16.87 19.02
CA LEU C 244 19.11 -16.77 19.08
C LEU C 244 19.64 -15.83 18.02
N LEU C 245 19.05 -15.88 16.82
CA LEU C 245 19.45 -14.96 15.77
C LEU C 245 19.10 -13.52 16.13
N LYS C 246 18.01 -13.30 16.88
CA LYS C 246 17.52 -11.94 17.05
C LYS C 246 18.52 -11.08 17.83
N ILE C 247 19.03 -11.59 18.94
CA ILE C 247 20.00 -10.87 19.74
C ILE C 247 21.37 -11.40 19.34
N PRO C 248 22.46 -10.66 19.53
CA PRO C 248 23.78 -11.26 19.29
C PRO C 248 24.09 -12.36 20.28
N SER C 249 24.03 -13.60 19.80
CA SER C 249 24.20 -14.75 20.73
C SER C 249 25.55 -15.44 20.51
N PRO C 250 26.07 -16.17 21.53
CA PRO C 250 27.31 -16.92 21.36
C PRO C 250 27.22 -17.93 20.20
N PRO C 251 28.20 -17.95 19.28
CA PRO C 251 28.13 -18.83 18.11
C PRO C 251 27.85 -20.30 18.44
N GLU C 252 28.30 -20.77 19.59
CA GLU C 252 28.12 -22.20 19.96
C GLU C 252 26.64 -22.49 20.11
N LYS C 253 25.89 -21.59 20.77
CA LYS C 253 24.46 -21.87 21.00
C LYS C 253 23.77 -21.91 19.65
N ILE C 254 24.21 -21.05 18.73
CA ILE C 254 23.66 -21.10 17.35
C ILE C 254 23.93 -22.50 16.79
N ALA C 255 25.19 -22.94 16.86
CA ALA C 255 25.55 -24.27 16.32
C ALA C 255 24.82 -25.37 17.09
N ASN C 256 24.71 -25.24 18.40
CA ASN C 256 23.93 -26.22 19.19
C ASN C 256 22.51 -26.33 18.61
N SER C 257 21.83 -25.19 18.46
CA SER C 257 20.44 -25.21 17.95
C SER C 257 20.41 -25.87 16.56
N ILE C 258 21.31 -25.45 15.67
CA ILE C 258 21.32 -25.99 14.29
C ILE C 258 21.46 -27.51 14.34
N TYR C 259 22.46 -28.02 15.05
CA TYR C 259 22.69 -29.48 15.05
C TYR C 259 21.50 -30.18 15.68
N LYS C 260 20.90 -29.57 16.70
CA LYS C 260 19.69 -30.16 17.27
C LYS C 260 18.59 -30.23 16.22
N ILE C 261 18.34 -29.12 15.53
CA ILE C 261 17.31 -29.09 14.50
C ILE C 261 17.62 -30.11 13.42
N ASN C 262 18.89 -30.20 13.02
CA ASN C 262 19.27 -31.15 11.99
C ASN C 262 19.01 -32.60 12.41
N ASP C 263 19.32 -32.92 13.67
CA ASP C 263 19.09 -34.29 14.14
C ASP C 263 17.60 -34.61 14.16
N ILE C 264 16.80 -33.66 14.64
CA ILE C 264 15.35 -33.85 14.66
C ILE C 264 14.85 -34.11 13.25
N LEU C 265 15.34 -33.32 12.29
CA LEU C 265 14.90 -33.49 10.92
C LEU C 265 15.31 -34.85 10.39
N GLU C 266 16.48 -35.34 10.80
CA GLU C 266 16.88 -36.67 10.38
C GLU C 266 15.80 -37.67 10.77
N SER C 267 15.30 -37.55 12.00
CA SER C 267 14.24 -38.46 12.43
C SER C 267 12.91 -38.25 11.67
N SER C 268 12.54 -37.00 11.40
CA SER C 268 11.30 -36.79 10.64
C SER C 268 11.42 -37.39 9.23
N ILE C 269 12.57 -37.20 8.59
CA ILE C 269 12.81 -37.69 7.24
C ILE C 269 12.75 -39.21 7.23
N ARG C 270 13.38 -39.85 8.21
CA ARG C 270 13.28 -41.29 8.28
C ARG C 270 11.84 -41.76 8.42
N GLU C 271 11.08 -41.11 9.30
CA GLU C 271 9.71 -41.55 9.50
C GLU C 271 8.86 -41.37 8.25
N PHE C 272 9.00 -40.22 7.58
CA PHE C 272 8.21 -40.00 6.37
C PHE C 272 8.65 -40.95 5.25
N LYS C 273 9.96 -41.13 5.10
CA LYS C 273 10.48 -41.99 4.04
C LYS C 273 10.00 -43.42 4.18
N LEU C 274 10.10 -43.99 5.38
CA LEU C 274 9.64 -45.36 5.52
C LEU C 274 8.12 -45.49 5.57
N CYS C 275 7.39 -44.45 6.00
CA CYS C 275 5.95 -44.59 6.17
C CYS C 275 5.11 -44.18 4.96
N SER C 276 5.59 -43.29 4.11
CA SER C 276 4.77 -42.75 3.01
C SER C 276 4.44 -43.77 1.93
N LYS C 277 4.86 -45.02 2.02
CA LYS C 277 4.40 -45.97 1.01
C LYS C 277 2.91 -46.30 1.17
N ASN C 278 2.32 -46.75 0.06
CA ASN C 278 0.89 -47.08 -0.01
C ASN C 278 0.02 -45.85 0.21
N SER C 279 0.48 -44.69 -0.27
CA SER C 279 -0.26 -43.45 -0.16
C SER C 279 -0.48 -42.82 -1.53
N GLU C 280 -0.55 -43.66 -2.56
CA GLU C 280 -0.82 -43.17 -3.91
C GLU C 280 -2.20 -42.54 -4.02
N ASN C 281 -3.11 -42.88 -3.10
CA ASN C 281 -4.45 -42.29 -3.04
C ASN C 281 -4.59 -41.29 -1.88
N LEU C 282 -3.48 -40.91 -1.23
CA LEU C 282 -3.58 -40.04 -0.07
C LEU C 282 -2.85 -38.70 -0.21
N PHE C 283 -1.67 -38.66 -0.82
CA PHE C 283 -0.96 -37.39 -0.92
C PHE C 283 0.25 -37.49 -1.84
N PHE C 284 0.87 -36.34 -2.09
CA PHE C 284 2.12 -36.28 -2.84
C PHE C 284 3.26 -36.48 -1.86
N ILE C 285 4.09 -37.48 -2.13
CA ILE C 285 5.23 -37.78 -1.26
C ILE C 285 6.38 -36.83 -1.54
N LYS C 286 6.72 -36.65 -2.83
CA LYS C 286 7.98 -36.03 -3.21
C LYS C 286 8.17 -34.61 -2.70
N PRO C 287 7.24 -33.67 -2.87
CA PRO C 287 7.51 -32.30 -2.38
C PRO C 287 7.71 -32.19 -0.86
N ILE C 288 7.04 -33.05 -0.07
CA ILE C 288 7.21 -33.03 1.38
C ILE C 288 8.59 -33.54 1.78
N GLN C 289 9.00 -34.65 1.20
CA GLN C 289 10.37 -35.13 1.39
C GLN C 289 11.38 -34.06 1.00
N LYS C 290 11.17 -33.43 -0.17
CA LYS C 290 12.08 -32.38 -0.63
C LYS C 290 12.10 -31.21 0.33
N PHE C 291 10.93 -30.86 0.91
CA PHE C 291 10.89 -29.77 1.88
C PHE C 291 11.72 -30.11 3.11
N LEU C 292 11.64 -31.35 3.59
CA LEU C 292 12.44 -31.68 4.77
C LEU C 292 13.93 -31.68 4.42
N VAL C 293 14.29 -32.23 3.27
CA VAL C 293 15.70 -32.29 2.90
C VAL C 293 16.25 -30.89 2.73
N ASP C 294 15.51 -30.02 2.05
CA ASP C 294 15.92 -28.64 1.85
C ASP C 294 16.01 -27.88 3.17
N PHE C 295 15.03 -28.09 4.06
CA PHE C 295 15.09 -27.53 5.41
C PHE C 295 16.42 -27.89 6.05
N GLN C 296 16.79 -29.16 5.95
CA GLN C 296 18.06 -29.59 6.52
C GLN C 296 19.24 -28.83 5.90
N LYS C 297 19.27 -28.72 4.56
CA LYS C 297 20.37 -28.05 3.90
C LYS C 297 20.47 -26.60 4.33
N ILE C 298 19.33 -25.92 4.37
CA ILE C 298 19.32 -24.50 4.69
C ILE C 298 19.75 -24.28 6.13
N VAL C 299 19.22 -25.08 7.09
CA VAL C 299 19.58 -24.87 8.49
C VAL C 299 21.05 -25.17 8.72
N LEU C 300 21.59 -26.18 8.05
CA LEU C 300 23.02 -26.43 8.21
C LEU C 300 23.85 -25.33 7.57
N GLU C 301 23.32 -24.65 6.54
CA GLU C 301 24.14 -23.65 5.86
C GLU C 301 24.29 -22.39 6.70
N LYS C 302 23.43 -22.20 7.71
CA LYS C 302 23.59 -21.14 8.69
C LYS C 302 24.65 -21.44 9.75
N LEU C 303 25.36 -22.56 9.65
CA LEU C 303 26.36 -22.85 10.68
C LEU C 303 27.44 -21.77 10.63
N PRO C 304 27.93 -21.31 11.78
CA PRO C 304 28.99 -20.31 11.78
C PRO C 304 30.27 -20.85 11.14
N LEU C 305 30.99 -19.97 10.46
CA LEU C 305 32.28 -20.29 9.85
C LEU C 305 33.39 -20.33 10.89
N MET D 1 3.97 18.07 12.09
CA MET D 1 3.48 19.45 12.05
C MET D 1 1.96 19.47 12.13
N LYS D 2 1.42 20.30 13.02
CA LYS D 2 -0.01 20.29 13.26
C LYS D 2 -0.53 21.72 13.35
N LYS D 3 -1.81 21.88 13.09
CA LYS D 3 -2.48 23.16 13.29
C LYS D 3 -3.24 23.04 14.60
N ILE D 4 -2.97 23.98 15.52
CA ILE D 4 -3.36 23.87 16.93
C ILE D 4 -4.19 25.07 17.32
N LEU D 5 -5.27 24.81 18.05
CA LEU D 5 -6.08 25.83 18.70
C LEU D 5 -5.92 25.71 20.20
N ILE D 6 -5.64 26.82 20.87
CA ILE D 6 -5.59 26.84 22.33
C ILE D 6 -6.80 27.62 22.82
N VAL D 7 -7.62 26.98 23.63
CA VAL D 7 -8.83 27.57 24.18
C VAL D 7 -8.57 27.85 25.65
N SER D 8 -8.95 29.05 26.08
CA SER D 8 -8.70 29.43 27.46
C SER D 8 -9.81 30.34 27.94
N PHE D 9 -10.05 30.27 29.23
CA PHE D 9 -10.87 31.26 29.90
C PHE D 9 -9.97 32.39 30.38
N LEU D 10 -10.59 33.51 30.72
CA LEU D 10 -9.80 34.70 31.04
C LEU D 10 -10.53 35.50 32.11
N GLY D 11 -9.98 35.50 33.31
CA GLY D 11 -10.57 36.15 34.46
C GLY D 11 -9.68 37.27 34.99
N LYS D 12 -10.19 37.92 36.02
CA LYS D 12 -9.43 38.93 36.76
C LYS D 12 -8.33 38.25 37.58
N GLY D 13 -7.17 38.90 37.64
CA GLY D 13 -6.08 38.38 38.45
C GLY D 13 -4.81 39.19 38.25
N ARG D 14 -3.78 38.83 39.05
CA ARG D 14 -2.53 39.59 39.03
C ARG D 14 -1.77 39.29 37.74
N TYR D 15 -1.80 38.02 37.31
CA TYR D 15 -1.07 37.54 36.13
C TYR D 15 0.43 37.83 36.28
N TYR D 16 1.00 37.31 37.37
CA TYR D 16 2.43 37.46 37.62
C TYR D 16 3.24 36.80 36.52
N GLU D 17 4.33 37.44 36.16
CA GLU D 17 5.29 36.80 35.27
C GLU D 17 5.67 35.45 35.84
N THR D 18 5.73 34.45 34.97
CA THR D 18 5.89 33.09 35.43
C THR D 18 6.79 32.34 34.47
N PHE D 19 7.65 31.50 35.00
CA PHE D 19 8.45 30.59 34.18
C PHE D 19 7.61 29.33 33.96
N TYR D 20 6.86 29.31 32.87
CA TYR D 20 6.10 28.10 32.58
C TYR D 20 7.03 27.06 31.99
N TYR D 21 6.76 25.80 32.33
CA TYR D 21 7.50 24.72 31.72
C TYR D 21 6.58 23.53 31.67
N SER D 22 6.70 22.75 30.61
CA SER D 22 6.05 21.48 30.56
C SER D 22 6.74 20.59 31.56
N ILE D 23 5.95 19.90 32.38
CA ILE D 23 6.52 18.96 33.32
C ILE D 23 7.33 17.95 32.53
N GLU D 24 7.12 17.86 31.23
CA GLU D 24 7.80 16.79 30.56
C GLU D 24 9.23 17.19 30.26
N HIS D 25 9.43 18.45 29.90
CA HIS D 25 10.74 18.95 29.46
C HIS D 25 11.03 20.21 30.28
N SER D 26 11.58 20.02 31.49
CA SER D 26 11.94 21.20 32.26
C SER D 26 13.13 21.92 31.64
N GLU D 27 13.72 21.38 30.58
CA GLU D 27 14.79 22.11 29.90
C GLU D 27 14.25 23.40 29.30
N LYS D 28 13.07 23.35 28.70
CA LYS D 28 12.49 24.55 28.11
C LYS D 28 11.56 25.27 29.06
N MET D 29 11.92 26.48 29.47
CA MET D 29 11.05 27.33 30.26
C MET D 29 10.75 28.57 29.43
N VAL D 30 9.51 29.02 29.50
CA VAL D 30 9.04 30.20 28.78
C VAL D 30 8.54 31.17 29.83
N LYS D 31 9.11 32.36 29.85
CA LYS D 31 8.73 33.40 30.81
C LYS D 31 7.57 34.20 30.23
N LYS D 32 6.36 33.96 30.73
CA LYS D 32 5.20 34.69 30.26
C LYS D 32 4.21 34.84 31.41
N ARG D 33 3.25 35.73 31.22
CA ARG D 33 2.18 35.86 32.18
C ARG D 33 1.07 34.87 31.95
N LEU D 34 0.78 34.55 30.69
CA LEU D 34 -0.35 33.69 30.34
C LEU D 34 0.13 32.29 29.98
N SER D 35 -0.31 31.30 30.75
CA SER D 35 -0.03 29.91 30.37
C SER D 35 -0.46 29.56 28.94
N PRO D 36 -1.65 29.95 28.45
CA PRO D 36 -1.96 29.67 27.03
C PRO D 36 -0.91 30.24 26.09
N LEU D 37 -0.41 31.41 26.44
CA LEU D 37 0.60 32.08 25.64
C LEU D 37 1.91 31.29 25.66
N ALA D 38 2.32 30.83 26.84
CA ALA D 38 3.53 30.03 26.98
C ALA D 38 3.42 28.72 26.19
N ASN D 39 2.28 28.03 26.30
CA ASN D 39 2.09 26.82 25.51
C ASN D 39 2.14 27.15 24.01
N ALA D 40 1.56 28.30 23.62
CA ALA D 40 1.61 28.71 22.23
C ALA D 40 3.05 28.85 21.77
N ILE D 41 3.89 29.48 22.58
CA ILE D 41 5.31 29.63 22.22
C ILE D 41 5.98 28.26 22.08
N LEU D 42 5.68 27.35 23.02
CA LEU D 42 6.29 26.03 22.96
C LEU D 42 5.90 25.32 21.67
N GLU D 43 4.61 25.39 21.31
CA GLU D 43 4.14 24.73 20.11
C GLU D 43 4.70 25.40 18.86
N LYS D 44 4.86 26.72 18.88
CA LYS D 44 5.39 27.41 17.71
C LYS D 44 6.85 27.05 17.47
N GLU D 45 7.62 26.95 18.56
CA GLU D 45 9.00 26.51 18.44
C GLU D 45 9.08 25.08 17.96
N ASN D 46 8.05 24.29 18.26
CA ASN D 46 7.92 22.94 17.74
C ASN D 46 7.52 22.92 16.28
N GLY D 47 7.33 24.07 15.67
CA GLY D 47 7.06 24.15 14.24
C GLY D 47 5.60 24.09 13.87
N ASN D 48 4.70 24.35 14.81
CA ASN D 48 3.28 24.28 14.54
C ASN D 48 2.68 25.67 14.33
N ASP D 49 1.55 25.69 13.62
CA ASP D 49 0.74 26.89 13.49
C ASP D 49 -0.28 26.93 14.62
N VAL D 50 -0.35 28.05 15.34
CA VAL D 50 -1.12 28.15 16.57
C VAL D 50 -2.07 29.34 16.49
N GLU D 51 -3.30 29.14 17.01
CA GLU D 51 -4.31 30.16 17.28
C GLU D 51 -4.74 30.04 18.74
N ILE D 52 -5.05 31.18 19.35
CA ILE D 52 -5.52 31.23 20.74
C ILE D 52 -6.89 31.87 20.77
N ILE D 53 -7.84 31.24 21.45
CA ILE D 53 -9.16 31.84 21.62
C ILE D 53 -9.48 31.91 23.09
N PHE D 54 -9.94 33.07 23.54
CA PHE D 54 -10.24 33.35 24.93
C PHE D 54 -11.74 33.51 25.10
N PHE D 55 -12.30 32.77 26.04
CA PHE D 55 -13.67 33.00 26.47
C PHE D 55 -13.62 34.06 27.56
N VAL D 56 -14.48 35.06 27.47
CA VAL D 56 -14.48 36.15 28.43
C VAL D 56 -15.91 36.60 28.69
N THR D 57 -16.19 36.95 29.94
CA THR D 57 -17.48 37.53 30.27
C THR D 57 -17.48 39.03 29.97
N ASN D 58 -18.68 39.57 29.74
CA ASN D 58 -18.81 41.01 29.62
C ASN D 58 -18.24 41.69 30.84
N GLU D 59 -18.34 41.05 32.00
CA GLU D 59 -17.91 41.70 33.23
C GLU D 59 -16.38 41.78 33.28
N VAL D 60 -15.69 40.68 32.97
CA VAL D 60 -14.24 40.72 32.90
C VAL D 60 -13.77 41.67 31.79
N LYS D 61 -14.53 41.77 30.70
CA LYS D 61 -14.16 42.69 29.62
C LYS D 61 -14.20 44.14 30.09
N ASN D 62 -15.32 44.53 30.71
CA ASN D 62 -15.49 45.94 31.07
C ASN D 62 -14.73 46.31 32.33
N GLU D 63 -14.79 45.47 33.36
CA GLU D 63 -14.26 45.85 34.67
C GLU D 63 -12.75 45.75 34.78
N PHE D 64 -12.14 44.83 34.05
CA PHE D 64 -10.73 44.55 34.18
C PHE D 64 -9.98 44.88 32.90
N LEU D 65 -10.37 44.23 31.82
CA LEU D 65 -9.59 44.18 30.60
C LEU D 65 -9.53 45.54 29.90
N TYR D 66 -10.62 46.30 29.87
CA TYR D 66 -10.65 47.55 29.15
C TYR D 66 -10.45 48.77 30.07
N ASP D 67 -9.85 48.58 31.24
CA ASP D 67 -9.57 49.62 32.23
C ASP D 67 -8.15 50.16 32.02
N GLU D 68 -8.00 51.48 31.82
CA GLU D 68 -6.65 51.97 31.55
C GLU D 68 -5.74 51.78 32.75
N ASN D 69 -6.26 51.95 33.97
CA ASN D 69 -5.41 52.03 35.15
C ASN D 69 -5.19 50.68 35.78
N ASN D 70 -5.38 49.61 35.01
CA ASN D 70 -5.20 48.27 35.51
C ASN D 70 -3.92 47.78 34.84
N GLU D 71 -2.87 47.93 35.63
CA GLU D 71 -1.47 47.60 35.36
C GLU D 71 -1.29 46.11 35.09
N TYR D 72 -2.05 45.28 35.77
CA TYR D 72 -2.10 43.86 35.46
C TYR D 72 -2.83 43.60 34.13
N ALA D 73 -3.96 44.27 33.90
CA ALA D 73 -4.67 44.11 32.63
C ALA D 73 -3.85 44.66 31.46
N LYS D 74 -3.23 45.83 31.64
CA LYS D 74 -2.41 46.36 30.56
C LYS D 74 -1.24 45.44 30.28
N ASN D 75 -0.69 44.81 31.32
CA ASN D 75 0.39 43.85 31.11
C ASN D 75 -0.08 42.70 30.25
N ILE D 76 -1.25 42.14 30.58
CA ILE D 76 -1.75 41.00 29.84
C ILE D 76 -2.05 41.38 28.39
N LEU D 77 -2.64 42.56 28.21
CA LEU D 77 -2.93 43.04 26.88
C LEU D 77 -1.66 43.21 26.06
N ASN D 78 -0.61 43.75 26.68
CA ASN D 78 0.66 43.93 25.97
C ASN D 78 1.24 42.58 25.56
N GLU D 79 1.15 41.59 26.45
CA GLU D 79 1.65 40.25 26.11
C GLU D 79 0.89 39.68 24.92
N LEU D 80 -0.43 39.81 24.94
CA LEU D 80 -1.26 39.31 23.86
C LEU D 80 -0.94 40.06 22.57
N ASN D 81 -0.64 41.34 22.67
CA ASN D 81 -0.33 42.11 21.48
C ASN D 81 1.00 41.68 20.90
N GLU D 82 1.96 41.28 21.75
CA GLU D 82 3.26 40.91 21.22
C GLU D 82 3.33 39.44 20.84
N ILE D 83 2.30 38.67 21.12
CA ILE D 83 2.29 37.33 20.53
C ILE D 83 2.00 37.37 19.03
N LYS D 84 1.25 38.39 18.57
CA LYS D 84 0.91 38.44 17.16
C LYS D 84 2.16 38.47 16.28
N ASN D 85 3.28 38.96 16.82
CA ASN D 85 4.49 39.07 16.03
C ASN D 85 5.04 37.73 15.61
N TYR D 86 4.66 36.66 16.30
CA TYR D 86 5.06 35.33 15.94
C TYR D 86 3.96 34.58 15.19
N GLY D 87 3.04 35.34 14.59
CA GLY D 87 2.01 34.77 13.74
C GLY D 87 0.94 34.02 14.47
N ILE D 88 0.69 34.35 15.74
CA ILE D 88 -0.33 33.69 16.54
C ILE D 88 -1.51 34.65 16.59
N LYS D 89 -2.60 34.26 15.95
CA LYS D 89 -3.82 35.04 16.05
C LYS D 89 -4.46 34.87 17.43
N VAL D 90 -4.97 35.96 17.98
CA VAL D 90 -5.62 35.97 19.28
C VAL D 90 -6.98 36.64 19.08
N SER D 91 -8.03 35.99 19.52
CA SER D 91 -9.37 36.52 19.39
C SER D 91 -10.17 36.11 20.62
N TYR D 92 -11.36 36.68 20.75
CA TYR D 92 -12.16 36.56 21.97
C TYR D 92 -13.58 36.14 21.60
N ARG D 93 -14.22 35.38 22.53
CA ARG D 93 -15.62 35.00 22.43
C ARG D 93 -16.34 35.41 23.70
N ASP D 94 -17.51 36.03 23.55
CA ASP D 94 -18.34 36.42 24.67
C ASP D 94 -19.08 35.21 25.22
N ILE D 95 -19.10 35.06 26.55
CA ILE D 95 -19.93 34.05 27.20
C ILE D 95 -20.54 34.64 28.46
N PRO D 96 -21.64 34.05 28.94
CA PRO D 96 -22.20 34.40 30.26
C PRO D 96 -21.37 33.82 31.41
N LYS D 97 -21.74 34.23 32.66
CA LYS D 97 -21.03 33.77 33.85
C LYS D 97 -21.21 32.27 34.13
N GLY D 98 -22.30 31.67 33.66
CA GLY D 98 -22.55 30.28 34.00
C GLY D 98 -23.12 30.16 35.40
N LYS D 99 -24.13 31.00 35.69
CA LYS D 99 -24.77 31.03 36.98
C LYS D 99 -25.84 29.95 37.14
N ASN D 100 -26.25 29.30 36.05
CA ASN D 100 -27.22 28.23 36.10
C ASN D 100 -27.01 27.31 34.90
N TYR D 101 -27.86 26.28 34.80
CA TYR D 101 -27.67 25.28 33.77
C TYR D 101 -27.90 25.84 32.38
N GLU D 102 -28.78 26.83 32.22
CA GLU D 102 -29.00 27.39 30.89
C GLU D 102 -27.79 28.16 30.38
N GLU D 103 -27.18 28.97 31.24
CA GLU D 103 -25.95 29.67 30.85
C GLU D 103 -24.82 28.68 30.61
N LEU D 104 -24.72 27.65 31.46
CA LEU D 104 -23.69 26.64 31.23
C LEU D 104 -23.89 25.96 29.90
N GLU D 105 -25.16 25.72 29.54
CA GLU D 105 -25.48 25.15 28.24
C GLU D 105 -25.04 26.07 27.10
N ILE D 106 -25.24 27.38 27.25
CA ILE D 106 -24.76 28.34 26.25
C ILE D 106 -23.25 28.24 26.08
N ILE D 107 -22.52 28.15 27.21
CA ILE D 107 -21.06 28.03 27.14
C ILE D 107 -20.66 26.75 26.41
N MET D 108 -21.35 25.66 26.74
CA MET D 108 -21.15 24.41 26.03
C MET D 108 -21.33 24.61 24.53
N GLU D 109 -22.35 25.38 24.15
CA GLU D 109 -22.60 25.66 22.73
C GLU D 109 -21.47 26.46 22.10
N GLU D 110 -20.93 27.45 22.82
CA GLU D 110 -19.80 28.21 22.31
C GLU D 110 -18.58 27.33 22.11
N ILE D 111 -18.31 26.44 23.07
CA ILE D 111 -17.18 25.52 22.92
C ILE D 111 -17.39 24.66 21.69
N GLU D 112 -18.60 24.11 21.55
CA GLU D 112 -18.89 23.24 20.42
C GLU D 112 -18.74 23.99 19.09
N LYS D 113 -19.20 25.25 19.04
CA LYS D 113 -19.09 26.03 17.81
C LYS D 113 -17.63 26.25 17.44
N LEU D 114 -16.83 26.67 18.41
CA LEU D 114 -15.41 26.78 18.23
C LEU D 114 -14.81 25.47 17.71
N LEU D 115 -15.20 24.33 18.30
CA LEU D 115 -14.59 23.05 17.92
C LEU D 115 -15.00 22.63 16.50
N LEU D 116 -16.23 22.94 16.10
CA LEU D 116 -16.69 22.57 14.76
C LEU D 116 -16.09 23.49 13.71
N ASP D 117 -15.93 24.76 14.05
CA ASP D 117 -15.40 25.73 13.10
C ASP D 117 -13.91 25.53 12.87
N PHE D 118 -13.22 24.90 13.82
CA PHE D 118 -11.77 24.78 13.76
C PHE D 118 -11.38 23.71 12.75
N LYS D 119 -10.47 24.07 11.83
CA LYS D 119 -10.08 23.24 10.70
C LYS D 119 -8.65 22.72 10.81
N GLY D 120 -8.13 22.56 12.03
CA GLY D 120 -6.80 22.01 12.25
C GLY D 120 -6.83 20.62 12.85
N ASN D 121 -5.71 20.25 13.48
CA ASN D 121 -5.53 18.90 14.01
C ASN D 121 -5.71 18.80 15.53
N LYS D 122 -5.44 19.87 16.28
CA LYS D 122 -5.24 19.69 17.71
C LYS D 122 -5.83 20.86 18.47
N VAL D 123 -6.58 20.56 19.52
CA VAL D 123 -7.12 21.58 20.41
C VAL D 123 -6.57 21.33 21.81
N ILE D 124 -5.95 22.36 22.39
CA ILE D 124 -5.44 22.31 23.75
C ILE D 124 -6.35 23.17 24.60
N PHE D 125 -7.03 22.54 25.57
CA PHE D 125 -7.75 23.28 26.58
C PHE D 125 -6.76 23.63 27.69
N ASP D 126 -6.41 24.91 27.82
CA ASP D 126 -5.55 25.36 28.91
C ASP D 126 -6.46 25.96 29.98
N LEU D 127 -6.57 25.25 31.11
CA LEU D 127 -7.48 25.59 32.20
C LEU D 127 -6.79 26.38 33.31
N THR D 128 -5.63 26.98 33.04
CA THR D 128 -4.94 27.68 34.12
C THR D 128 -5.74 28.86 34.63
N HIS D 129 -6.28 29.67 33.73
CA HIS D 129 -6.81 30.97 34.07
C HIS D 129 -8.33 30.96 33.97
N GLY D 130 -8.95 32.02 34.47
CA GLY D 130 -10.38 32.10 34.53
C GLY D 130 -10.88 31.43 35.79
N LEU D 131 -12.21 31.48 35.95
CA LEU D 131 -12.82 31.03 37.20
C LEU D 131 -12.59 29.54 37.43
N ARG D 132 -12.36 29.20 38.69
CA ARG D 132 -12.36 27.79 39.10
C ARG D 132 -13.62 27.08 38.63
N HIS D 133 -14.77 27.77 38.72
CA HIS D 133 -16.05 27.25 38.24
C HIS D 133 -15.95 26.83 36.78
N MET D 134 -15.40 27.72 35.94
CA MET D 134 -15.25 27.43 34.52
C MET D 134 -14.29 26.29 34.30
N ALA D 135 -13.18 26.26 35.05
CA ALA D 135 -12.19 25.19 34.88
C ALA D 135 -12.78 23.83 35.22
N ILE D 136 -13.47 23.72 36.36
CA ILE D 136 -14.08 22.45 36.74
C ILE D 136 -15.10 22.02 35.71
N PHE D 137 -16.01 22.93 35.35
CA PHE D 137 -17.08 22.53 34.44
C PHE D 137 -16.50 22.09 33.10
N THR D 138 -15.58 22.87 32.54
CA THR D 138 -14.97 22.52 31.27
C THR D 138 -14.23 21.19 31.36
N SER D 139 -13.51 20.97 32.46
CA SER D 139 -12.80 19.70 32.62
C SER D 139 -13.76 18.53 32.59
N SER D 140 -14.94 18.68 33.17
CA SER D 140 -15.92 17.61 33.24
C SER D 140 -16.65 17.40 31.91
N THR D 141 -16.51 18.34 31.00
CA THR D 141 -17.20 18.33 29.73
C THR D 141 -16.34 17.88 28.56
N VAL D 142 -15.02 17.83 28.74
CA VAL D 142 -14.12 17.65 27.61
C VAL D 142 -14.27 16.26 26.99
N PHE D 143 -14.48 15.23 27.83
CA PHE D 143 -14.58 13.88 27.31
C PHE D 143 -15.80 13.74 26.41
N TYR D 144 -16.88 14.43 26.74
CA TYR D 144 -18.00 14.48 25.81
C TYR D 144 -17.57 15.03 24.46
N PHE D 145 -16.79 16.13 24.44
CA PHE D 145 -16.40 16.76 23.17
C PHE D 145 -15.47 15.87 22.38
N LYS D 146 -14.51 15.25 23.05
CA LYS D 146 -13.62 14.28 22.43
C LYS D 146 -14.40 13.12 21.91
N ASN D 147 -15.52 12.76 22.56
CA ASN D 147 -16.42 11.74 22.00
C ASN D 147 -17.24 12.25 20.81
N LEU D 148 -17.83 13.44 20.91
CA LEU D 148 -18.61 13.98 19.81
C LEU D 148 -17.69 14.25 18.63
N MET D 149 -16.44 14.62 18.91
CA MET D 149 -15.47 14.94 17.87
C MET D 149 -14.75 13.65 17.49
N GLU D 150 -15.64 12.67 17.38
CA GLU D 150 -15.42 11.36 16.77
C GLU D 150 -15.60 11.48 15.27
N LYS D 151 -16.85 11.83 14.87
CA LYS D 151 -17.36 11.83 13.50
C LYS D 151 -17.28 13.14 12.71
N ALA D 152 -17.73 14.25 13.30
CA ALA D 152 -17.80 15.49 12.54
C ALA D 152 -16.38 15.88 12.16
N ASN D 153 -15.57 16.20 13.15
CA ASN D 153 -14.15 16.42 12.96
C ASN D 153 -13.43 15.35 13.76
N LYS D 154 -12.13 15.23 13.54
CA LYS D 154 -11.35 14.16 14.18
C LYS D 154 -10.08 14.87 14.69
N LEU D 155 -10.21 15.50 15.85
CA LEU D 155 -9.15 16.31 16.41
C LEU D 155 -8.58 15.65 17.65
N GLU D 156 -7.26 15.68 17.75
CA GLU D 156 -6.62 15.29 18.98
C GLU D 156 -6.85 16.41 19.98
N MET D 157 -7.32 16.05 21.16
CA MET D 157 -7.66 16.99 22.21
C MET D 157 -6.75 16.77 23.39
N LYS D 158 -6.21 17.87 23.94
CA LYS D 158 -5.34 17.83 25.09
C LYS D 158 -5.93 18.75 26.14
N ILE D 159 -5.77 18.38 27.41
CA ILE D 159 -6.17 19.20 28.55
C ILE D 159 -4.93 19.43 29.40
N VAL D 160 -4.59 20.70 29.62
CA VAL D 160 -3.38 21.07 30.33
C VAL D 160 -3.74 22.20 31.28
N TYR D 161 -2.86 22.40 32.26
CA TYR D 161 -2.90 23.67 32.99
C TYR D 161 -1.61 23.84 33.77
N GLY D 162 -1.23 25.10 34.01
CA GLY D 162 -0.13 25.43 34.90
C GLY D 162 -0.59 25.33 36.34
N ALA D 163 0.04 24.49 37.13
CA ALA D 163 -0.38 24.32 38.51
C ALA D 163 0.37 25.36 39.36
N TYR D 164 -0.01 26.62 39.21
CA TYR D 164 0.72 27.72 39.91
C TYR D 164 0.73 27.55 41.42
N GLU D 165 -0.35 27.04 42.01
CA GLU D 165 -0.45 26.94 43.48
C GLU D 165 0.64 26.02 44.05
N ILE D 166 1.17 25.09 43.26
CA ILE D 166 2.18 24.13 43.77
C ILE D 166 3.55 24.39 43.12
N GLY D 167 3.81 25.62 42.69
CA GLY D 167 5.05 25.86 41.94
C GLY D 167 6.21 26.40 42.77
N GLU D 168 7.43 26.19 42.28
CA GLU D 168 8.63 26.76 42.97
C GLU D 168 8.61 28.28 42.79
N GLU D 169 8.44 29.02 43.89
CA GLU D 169 8.43 30.51 43.82
C GLU D 169 9.87 31.02 43.85
N ILE D 170 10.69 30.65 42.86
CA ILE D 170 12.10 31.15 42.76
C ILE D 170 12.24 32.47 43.51
N GLU D 171 11.64 33.56 43.01
CA GLU D 171 11.67 34.83 43.79
C GLU D 171 10.24 35.19 44.19
N LYS D 172 10.02 36.43 44.64
CA LYS D 172 8.67 36.79 45.12
C LYS D 172 7.73 36.99 43.94
N ASN D 173 6.57 36.32 43.97
CA ASN D 173 5.56 36.47 42.89
C ASN D 173 6.19 36.11 41.54
N LEU D 174 7.28 35.36 41.56
CA LEU D 174 7.90 34.87 40.30
C LEU D 174 8.10 33.38 40.52
N LYS D 175 7.39 32.55 39.76
CA LYS D 175 7.47 31.11 40.03
C LYS D 175 7.72 30.28 38.78
N LYS D 176 8.34 29.11 38.97
CA LYS D 176 8.50 28.16 37.86
C LYS D 176 7.32 27.21 38.02
N VAL D 177 6.34 27.29 37.13
CA VAL D 177 5.10 26.50 37.29
C VAL D 177 5.05 25.39 36.25
N PRO D 178 4.88 24.12 36.65
CA PRO D 178 4.74 23.03 35.68
C PRO D 178 3.39 23.07 34.98
N ILE D 179 3.42 22.86 33.67
CA ILE D 179 2.21 22.65 32.89
C ILE D 179 1.93 21.15 32.89
N LEU D 180 0.85 20.76 33.55
CA LEU D 180 0.44 19.36 33.63
C LEU D 180 -0.55 19.03 32.54
N ASP D 181 -0.41 17.82 31.99
CA ASP D 181 -1.30 17.27 30.97
C ASP D 181 -2.14 16.16 31.61
N ILE D 182 -3.45 16.37 31.73
CA ILE D 182 -4.34 15.39 32.32
C ILE D 182 -5.22 14.72 31.25
N THR D 183 -4.78 14.75 29.99
CA THR D 183 -5.55 14.13 28.93
C THR D 183 -5.71 12.63 29.15
N GLN D 184 -4.61 11.96 29.50
CA GLN D 184 -4.67 10.54 29.76
C GLN D 184 -5.72 10.24 30.80
N THR D 185 -5.75 11.05 31.85
CA THR D 185 -6.70 10.85 32.92
C THR D 185 -8.12 11.22 32.51
N LEU D 186 -8.29 12.21 31.64
CA LEU D 186 -9.66 12.51 31.19
C LEU D 186 -10.14 11.42 30.24
N GLU D 187 -9.24 10.59 29.72
CA GLU D 187 -9.65 9.59 28.70
C GLU D 187 -9.63 8.15 29.23
N LEU D 188 -9.26 7.93 30.50
CA LEU D 188 -9.10 6.55 31.04
C LEU D 188 -10.34 5.69 30.79
N SER D 189 -11.51 6.30 30.65
CA SER D 189 -12.76 5.56 30.36
C SER D 189 -12.56 4.63 29.17
N ASP D 190 -11.92 5.14 28.11
CA ASP D 190 -11.75 4.34 26.87
C ASP D 190 -11.27 2.94 27.22
N LEU D 191 -10.32 2.83 28.15
CA LEU D 191 -9.76 1.52 28.52
C LEU D 191 -10.88 0.64 29.04
N THR D 192 -11.74 1.18 29.91
CA THR D 192 -12.84 0.41 30.50
C THR D 192 -13.86 0.04 29.42
N ILE D 193 -14.26 1.00 28.58
CA ILE D 193 -15.28 0.75 27.52
C ILE D 193 -14.75 -0.31 26.54
N ALA D 194 -13.44 -0.32 26.28
CA ALA D 194 -12.86 -1.36 25.41
C ALA D 194 -13.02 -2.72 26.08
N LEU D 195 -12.48 -2.84 27.30
CA LEU D 195 -12.57 -4.12 28.06
C LEU D 195 -14.04 -4.60 28.07
N GLU D 196 -14.97 -3.68 28.26
CA GLU D 196 -16.41 -4.04 28.25
C GLU D 196 -16.74 -4.75 26.94
N GLU D 197 -16.69 -4.03 25.83
CA GLU D 197 -17.08 -4.60 24.52
C GLU D 197 -16.31 -5.91 24.27
N PHE D 198 -15.03 -5.94 24.63
CA PHE D 198 -14.21 -7.16 24.37
C PHE D 198 -14.84 -8.35 25.10
N GLU D 199 -15.23 -8.17 26.36
CA GLU D 199 -15.75 -9.30 27.17
C GLU D 199 -17.22 -9.53 26.83
N ARG D 200 -18.02 -8.47 26.76
CA ARG D 200 -19.47 -8.66 26.55
C ARG D 200 -19.77 -9.05 25.11
N TYR D 201 -19.09 -8.45 24.14
CA TYR D 201 -19.47 -8.70 22.73
C TYR D 201 -18.34 -9.36 21.92
N GLY D 202 -17.11 -9.35 22.43
CA GLY D 202 -15.98 -9.88 21.65
C GLY D 202 -15.43 -8.84 20.68
N ILE D 203 -15.98 -7.62 20.72
CA ILE D 203 -15.54 -6.52 19.82
C ILE D 203 -14.14 -6.07 20.22
N THR D 204 -13.25 -5.91 19.26
CA THR D 204 -11.86 -5.59 19.58
C THR D 204 -11.39 -4.27 19.04
N GLU D 205 -12.21 -3.58 18.24
CA GLU D 205 -11.75 -2.37 17.57
C GLU D 205 -11.29 -1.32 18.57
N ARG D 206 -12.09 -1.08 19.61
CA ARG D 206 -11.70 -0.11 20.62
C ARG D 206 -10.44 -0.56 21.34
N MET D 207 -10.32 -1.87 21.61
CA MET D 207 -9.11 -2.40 22.24
C MET D 207 -7.87 -2.05 21.43
N ILE D 208 -7.95 -2.16 20.10
CA ILE D 208 -6.82 -1.86 19.22
C ILE D 208 -6.47 -0.38 19.30
N ILE D 209 -7.49 0.48 19.26
CA ILE D 209 -7.24 1.91 19.37
C ILE D 209 -6.58 2.25 20.71
N VAL D 210 -7.06 1.61 21.79
CA VAL D 210 -6.49 1.81 23.12
C VAL D 210 -5.03 1.40 23.13
N LEU D 211 -4.70 0.27 22.50
CA LEU D 211 -3.32 -0.19 22.44
C LEU D 211 -2.45 0.83 21.74
N LYS D 212 -2.97 1.43 20.68
CA LYS D 212 -2.23 2.48 19.99
C LYS D 212 -1.95 3.65 20.92
N ASN D 213 -2.97 4.09 21.66
CA ASN D 213 -2.75 5.23 22.55
C ASN D 213 -1.74 4.91 23.64
N ILE D 214 -1.80 3.69 24.19
CA ILE D 214 -0.85 3.29 25.22
C ILE D 214 0.56 3.30 24.65
N GLN D 215 0.71 2.75 23.43
CA GLN D 215 1.99 2.84 22.75
C GLN D 215 2.49 4.28 22.67
N LYS D 216 1.60 5.20 22.29
CA LYS D 216 1.99 6.60 22.11
C LYS D 216 2.54 7.15 23.42
N ILE D 217 1.73 6.96 24.47
CA ILE D 217 2.00 7.51 25.79
C ILE D 217 3.31 6.98 26.33
N VAL D 218 3.51 5.67 26.20
CA VAL D 218 4.72 5.05 26.71
C VAL D 218 5.91 5.50 25.89
N ALA D 219 5.69 5.98 24.68
CA ALA D 219 6.79 6.49 23.91
C ALA D 219 7.55 7.66 24.52
N LYS D 220 6.90 8.45 25.36
CA LYS D 220 7.56 9.59 25.96
C LYS D 220 8.76 9.13 26.75
N ASN D 221 8.73 7.89 27.22
CA ASN D 221 9.89 7.34 27.92
C ASN D 221 10.74 6.67 26.90
N LYS D 222 11.79 7.36 26.46
CA LYS D 222 12.63 6.83 25.40
C LYS D 222 13.31 5.57 25.82
N LEU D 223 13.37 5.34 27.12
CA LEU D 223 14.00 4.15 27.64
C LEU D 223 13.14 2.89 27.44
N CYS D 224 11.89 3.06 27.01
CA CYS D 224 11.06 1.90 26.73
C CYS D 224 11.35 1.39 25.35
N ASN D 225 11.65 0.10 25.24
CA ASN D 225 11.80 -0.48 23.91
C ASN D 225 10.38 -0.75 23.51
N LEU D 226 9.82 0.15 22.74
CA LEU D 226 8.43 0.02 22.38
C LEU D 226 8.07 -1.31 21.69
N ASN D 227 9.03 -1.93 21.02
CA ASN D 227 8.75 -3.18 20.32
C ASN D 227 8.99 -4.37 21.21
N GLU D 228 9.04 -4.16 22.52
CA GLU D 228 9.10 -5.32 23.46
C GLU D 228 7.71 -5.45 24.08
N LEU D 229 6.85 -4.47 23.84
CA LEU D 229 5.47 -4.52 24.37
C LEU D 229 4.66 -5.44 23.45
N LYS D 230 5.10 -5.61 22.21
CA LYS D 230 4.44 -6.55 21.26
C LYS D 230 3.01 -6.11 20.97
N PHE D 231 2.79 -4.81 20.79
CA PHE D 231 1.40 -4.32 20.61
C PHE D 231 1.00 -4.53 19.15
N SER D 232 1.97 -4.45 18.23
CA SER D 232 1.67 -4.75 16.80
C SER D 232 1.13 -6.19 16.72
N SER D 233 1.83 -7.12 17.36
CA SER D 233 1.37 -8.52 17.37
C SER D 233 0.06 -8.61 18.13
N LEU D 234 0.02 -8.06 19.34
CA LEU D 234 -1.20 -8.12 20.19
C LEU D 234 -2.41 -7.69 19.36
N SER D 235 -2.30 -6.58 18.65
CA SER D 235 -3.44 -6.06 17.86
C SER D 235 -3.79 -7.05 16.76
N ARG D 236 -2.81 -7.43 15.95
CA ARG D 236 -3.05 -8.36 14.83
C ARG D 236 -3.80 -9.59 15.32
N GLU D 237 -3.23 -10.27 16.33
CA GLU D 237 -3.85 -11.52 16.84
C GLU D 237 -5.26 -11.22 17.34
N LEU D 238 -5.45 -10.08 17.99
CA LEU D 238 -6.79 -9.76 18.57
C LEU D 238 -7.81 -9.65 17.43
N LYS D 239 -7.41 -9.07 16.30
CA LYS D 239 -8.38 -8.85 15.19
C LYS D 239 -8.80 -10.22 14.65
N LEU D 240 -7.86 -11.14 14.51
CA LEU D 240 -8.19 -12.51 14.02
C LEU D 240 -9.03 -13.20 15.09
N PHE D 241 -8.74 -12.92 16.36
CA PHE D 241 -9.49 -13.55 17.47
C PHE D 241 -10.97 -13.16 17.38
N GLU D 242 -11.23 -11.88 17.07
CA GLU D 242 -12.65 -11.42 16.94
C GLU D 242 -13.30 -12.25 15.84
N GLU D 243 -12.60 -12.43 14.72
CA GLU D 243 -13.16 -13.18 13.58
C GLU D 243 -13.49 -14.62 14.01
N LEU D 244 -12.60 -15.25 14.77
CA LEU D 244 -12.84 -16.67 15.16
C LEU D 244 -14.12 -16.74 15.98
N LEU D 245 -14.38 -15.71 16.80
CA LEU D 245 -15.56 -15.73 17.69
C LEU D 245 -16.82 -15.56 16.87
N LYS D 246 -16.73 -14.86 15.74
CA LYS D 246 -17.92 -14.59 14.88
C LYS D 246 -18.34 -15.86 14.17
N ILE D 247 -17.39 -16.77 13.91
CA ILE D 247 -17.70 -18.02 13.18
C ILE D 247 -17.67 -19.16 14.20
N PRO D 248 -18.17 -20.37 13.88
CA PRO D 248 -18.06 -21.50 14.78
C PRO D 248 -16.61 -21.96 14.84
N SER D 249 -15.75 -21.15 15.44
CA SER D 249 -14.33 -21.57 15.56
C SER D 249 -14.26 -22.94 16.23
N PRO D 250 -13.42 -23.87 15.75
CA PRO D 250 -13.24 -25.15 16.41
C PRO D 250 -12.99 -24.87 17.88
N PRO D 251 -13.54 -25.67 18.82
CA PRO D 251 -13.41 -25.39 20.25
C PRO D 251 -11.99 -25.22 20.82
N GLU D 252 -10.98 -25.03 19.97
CA GLU D 252 -9.57 -24.80 20.41
C GLU D 252 -8.72 -24.42 19.21
N ILE D 254 -9.80 -21.61 18.91
CA ILE D 254 -9.88 -20.35 19.70
C ILE D 254 -8.76 -20.37 20.74
N ALA D 255 -8.63 -21.47 21.48
CA ALA D 255 -7.62 -21.53 22.56
C ALA D 255 -6.25 -21.09 22.05
N ASN D 256 -5.87 -21.53 20.86
CA ASN D 256 -4.51 -21.20 20.35
C ASN D 256 -4.33 -19.68 20.37
N SER D 257 -5.27 -18.95 19.79
CA SER D 257 -5.18 -17.47 19.78
C SER D 257 -5.17 -16.97 21.22
N ILE D 258 -6.08 -17.47 22.05
CA ILE D 258 -6.17 -17.04 23.48
C ILE D 258 -4.78 -17.15 24.10
N TYR D 259 -4.14 -18.30 23.96
CA TYR D 259 -2.82 -18.51 24.59
C TYR D 259 -1.82 -17.52 24.01
N LYS D 260 -1.74 -17.46 22.69
CA LYS D 260 -0.74 -16.56 22.04
C LYS D 260 -0.89 -15.15 22.62
N ILE D 261 -2.12 -14.70 22.84
CA ILE D 261 -2.39 -13.34 23.41
C ILE D 261 -1.84 -13.27 24.84
N ASN D 262 -2.17 -14.27 25.68
CA ASN D 262 -1.76 -14.24 27.11
C ASN D 262 -0.24 -14.17 27.21
N ASP D 263 0.46 -14.91 26.37
CA ASP D 263 1.95 -14.90 26.38
C ASP D 263 2.44 -13.54 25.87
N ILE D 264 1.80 -13.00 24.84
CA ILE D 264 2.18 -11.64 24.35
C ILE D 264 1.98 -10.64 25.50
N LEU D 265 0.90 -10.80 26.27
CA LEU D 265 0.59 -9.87 27.38
C LEU D 265 1.66 -9.99 28.46
N GLU D 266 2.24 -11.17 28.63
CA GLU D 266 3.24 -11.37 29.72
C GLU D 266 4.45 -10.50 29.40
N SER D 267 5.01 -10.68 28.21
CA SER D 267 6.13 -9.80 27.79
C SER D 267 5.66 -8.36 27.94
N SER D 268 4.44 -8.08 27.49
CA SER D 268 3.93 -6.69 27.56
C SER D 268 4.00 -6.18 28.99
N ILE D 269 3.40 -6.92 29.93
CA ILE D 269 3.32 -6.43 31.34
C ILE D 269 4.75 -6.25 31.88
N ARG D 270 5.65 -7.18 31.55
CA ARG D 270 7.02 -7.10 32.10
C ARG D 270 7.74 -5.88 31.54
N GLU D 271 7.68 -5.70 30.22
CA GLU D 271 8.40 -4.56 29.60
C GLU D 271 7.82 -3.26 30.17
N PHE D 272 6.50 -3.20 30.36
CA PHE D 272 5.86 -1.96 30.85
C PHE D 272 6.29 -1.70 32.29
N LYS D 273 6.76 -2.73 32.99
CA LYS D 273 7.26 -2.53 34.37
C LYS D 273 8.56 -1.72 34.30
N LEU D 274 9.62 -2.29 33.75
CA LEU D 274 10.86 -1.48 33.57
C LEU D 274 10.41 -0.26 32.78
N CYS D 275 9.63 -0.52 31.74
CA CYS D 275 9.06 0.57 30.90
C CYS D 275 8.59 1.75 31.75
N SER D 276 8.05 1.51 32.94
CA SER D 276 7.43 2.60 33.72
C SER D 276 8.39 3.24 34.73
N LYS D 277 9.67 2.87 34.70
CA LYS D 277 10.57 3.42 35.74
C LYS D 277 10.83 4.88 35.41
N ASN D 278 10.99 5.73 36.43
CA ASN D 278 11.34 7.16 36.19
C ASN D 278 10.31 7.78 35.25
N SER D 279 9.02 7.67 35.59
CA SER D 279 7.95 8.16 34.68
C SER D 279 7.08 9.19 35.41
N GLU D 280 7.61 9.80 36.45
CA GLU D 280 6.82 10.75 37.29
C GLU D 280 6.35 11.94 36.47
N ASN D 281 7.18 12.41 35.53
CA ASN D 281 6.84 13.58 34.70
C ASN D 281 6.55 13.10 33.29
N LEU D 282 5.99 11.89 33.15
CA LEU D 282 5.78 11.26 31.87
C LEU D 282 4.34 10.80 31.73
N PHE D 283 3.82 9.98 32.65
CA PHE D 283 2.45 9.49 32.49
C PHE D 283 2.04 8.73 33.73
N PHE D 284 0.77 8.31 33.75
CA PHE D 284 0.25 7.47 34.81
C PHE D 284 0.55 6.02 34.47
N ILE D 285 1.25 5.33 35.38
CA ILE D 285 1.70 3.95 35.14
C ILE D 285 0.58 2.98 35.37
N LYS D 286 0.03 3.07 36.57
CA LYS D 286 -0.84 2.07 37.14
C LYS D 286 -2.11 1.83 36.34
N PRO D 287 -2.81 2.83 35.78
CA PRO D 287 -3.99 2.50 34.95
C PRO D 287 -3.65 1.67 33.72
N ILE D 288 -2.48 1.88 33.13
CA ILE D 288 -2.05 1.05 31.99
C ILE D 288 -1.77 -0.38 32.46
N GLN D 289 -1.06 -0.51 33.58
CA GLN D 289 -0.83 -1.81 34.19
C GLN D 289 -2.13 -2.52 34.50
N LYS D 290 -3.08 -1.81 35.11
CA LYS D 290 -4.37 -2.41 35.43
C LYS D 290 -5.07 -2.84 34.15
N PHE D 291 -4.98 -2.03 33.09
CA PHE D 291 -5.58 -2.40 31.82
C PHE D 291 -4.95 -3.65 31.24
N LEU D 292 -3.63 -3.77 31.35
CA LEU D 292 -2.95 -4.93 30.78
C LEU D 292 -3.27 -6.20 31.55
N VAL D 293 -3.32 -6.12 32.89
CA VAL D 293 -3.69 -7.30 33.67
C VAL D 293 -5.16 -7.67 33.41
N ASP D 294 -6.04 -6.66 33.34
CA ASP D 294 -7.45 -6.90 33.04
C ASP D 294 -7.63 -7.52 31.66
N PHE D 295 -6.85 -7.07 30.68
CA PHE D 295 -6.84 -7.69 29.36
C PHE D 295 -6.54 -9.19 29.45
N GLN D 296 -5.48 -9.57 30.18
CA GLN D 296 -5.08 -10.97 30.36
C GLN D 296 -6.19 -11.77 30.99
N LYS D 297 -6.84 -11.10 31.93
CA LYS D 297 -7.88 -11.62 32.81
C LYS D 297 -9.06 -12.13 31.98
N ILE D 298 -9.54 -11.27 31.09
CA ILE D 298 -10.73 -11.49 30.29
C ILE D 298 -10.50 -12.53 29.18
N VAL D 299 -9.38 -12.40 28.48
CA VAL D 299 -9.16 -13.23 27.31
C VAL D 299 -9.10 -14.69 27.73
N LEU D 300 -8.49 -14.97 28.89
CA LEU D 300 -8.51 -16.32 29.42
C LEU D 300 -9.87 -16.70 29.96
N GLU D 301 -10.69 -15.73 30.38
CA GLU D 301 -12.02 -16.15 30.82
C GLU D 301 -12.88 -16.53 29.62
N LYS D 302 -12.47 -16.14 28.41
CA LYS D 302 -13.15 -16.63 27.21
C LYS D 302 -12.81 -18.07 26.83
N LEU D 303 -11.92 -18.73 27.56
CA LEU D 303 -11.53 -20.10 27.23
C LEU D 303 -12.69 -21.07 27.50
N PRO D 304 -12.91 -22.07 26.63
CA PRO D 304 -13.95 -23.08 26.86
C PRO D 304 -13.69 -23.91 28.11
#